data_7SQL
#
_entry.id   7SQL
#
_cell.length_a   84.087
_cell.length_b   93.893
_cell.length_c   157.497
_cell.angle_alpha   90.000
_cell.angle_beta   90.000
_cell.angle_gamma   90.000
#
_symmetry.space_group_name_H-M   'P 21 21 2'
#
loop_
_entity.id
_entity.type
_entity.pdbx_description
1 polymer 'Uridine-cytidine kinase 2'
2 non-polymer 'TRIETHYLENE GLYCOL'
3 non-polymer GLYCEROL
4 non-polymer 'TETRAETHYLENE GLYCOL'
5 non-polymer DI(HYDROXYETHYL)ETHER
6 non-polymer N-(4-bromophenyl)-2-{[1-(4-fluorophenyl)-4-oxo-4,5-dihydro-1H-pyrazolo[3,4-d]pyrimidin-6-yl]sulfanyl}acetamide
7 water water
#
_entity_poly.entity_id   1
_entity_poly.type   'polypeptide(L)'
_entity_poly.pdbx_seq_one_letter_code
;MAGDSEQTLQNHQQPNGGEPFLIGVSGGTASGKSSVCAKIVQLLGQNEVDYRQKQVVILSQDSFYRVLTSEQKAKALKGQ
FNFDHPDAFDNELILKTLKEITEGKTVQIPVYDFVSHSRKEETVTVYPADVVLFEGILAFYSQEVRDLFQMKLFVDTDAD
TRLSRRVLRDISERGRDLEQILSQYITFVKPAFEEFCLPTKKYADVIIPRGADNLVAINLIVQHIQDILNGGPSKRQTNG
CLNGYTPSRK
;
_entity_poly.pdbx_strand_id   A,B,C,D
#
loop_
_chem_comp.id
_chem_comp.type
_chem_comp.name
_chem_comp.formula
AQX non-polymer N-(4-bromophenyl)-2-{[1-(4-fluorophenyl)-4-oxo-4,5-dihydro-1H-pyrazolo[3,4-d]pyrimidin-6-yl]sulfanyl}acetamide 'C19 H13 Br F N5 O2 S'
GOL non-polymer GLYCEROL 'C3 H8 O3'
PEG non-polymer DI(HYDROXYETHYL)ETHER 'C4 H10 O3'
PG4 non-polymer 'TETRAETHYLENE GLYCOL' 'C8 H18 O5'
PGE non-polymer 'TRIETHYLENE GLYCOL' 'C6 H14 O4'
#
# COMPACT_ATOMS: atom_id res chain seq x y z
N GLU A 19 -14.97 -27.12 -25.14
CA GLU A 19 -13.80 -26.77 -24.27
C GLU A 19 -14.30 -26.23 -22.92
N PRO A 20 -13.86 -26.81 -21.77
CA PRO A 20 -14.20 -26.29 -20.45
C PRO A 20 -13.71 -24.85 -20.19
N PHE A 21 -14.47 -24.07 -19.41
CA PHE A 21 -14.16 -22.69 -18.98
C PHE A 21 -13.34 -22.77 -17.69
N LEU A 22 -12.10 -22.28 -17.75
CA LEU A 22 -11.13 -22.27 -16.63
C LEU A 22 -11.19 -20.89 -15.95
N ILE A 23 -11.59 -20.89 -14.68
CA ILE A 23 -11.48 -19.73 -13.76
C ILE A 23 -10.31 -20.03 -12.80
N GLY A 24 -9.26 -19.18 -12.84
CA GLY A 24 -8.18 -19.15 -11.85
C GLY A 24 -8.54 -18.24 -10.67
N VAL A 25 -8.31 -18.71 -9.44
CA VAL A 25 -8.56 -17.93 -8.21
C VAL A 25 -7.28 -17.92 -7.38
N SER A 26 -6.77 -16.73 -7.05
CA SER A 26 -5.66 -16.57 -6.09
C SER A 26 -6.04 -15.60 -4.96
N GLY A 27 -5.07 -15.37 -4.07
CA GLY A 27 -5.21 -14.73 -2.76
C GLY A 27 -4.32 -15.42 -1.75
N GLY A 28 -3.93 -14.71 -0.70
CA GLY A 28 -3.05 -15.24 0.35
C GLY A 28 -3.78 -16.25 1.21
N THR A 29 -3.07 -16.90 2.13
CA THR A 29 -3.71 -17.90 3.02
CA THR A 29 -3.66 -17.89 3.08
C THR A 29 -4.75 -17.19 3.91
N ALA A 30 -5.92 -17.81 4.01
CA ALA A 30 -7.07 -17.38 4.84
C ALA A 30 -7.70 -16.09 4.27
N SER A 31 -7.40 -15.76 3.02
CA SER A 31 -8.06 -14.70 2.23
C SER A 31 -9.54 -15.08 2.04
N GLY A 32 -9.83 -16.38 1.96
CA GLY A 32 -11.18 -16.91 1.68
C GLY A 32 -11.34 -17.44 0.25
N LYS A 33 -10.26 -17.58 -0.50
CA LYS A 33 -10.31 -18.13 -1.87
C LYS A 33 -10.96 -19.52 -1.84
N SER A 34 -10.73 -20.34 -0.81
CA SER A 34 -11.29 -21.72 -0.70
C SER A 34 -12.81 -21.69 -0.46
N SER A 35 -13.26 -20.95 0.53
CA SER A 35 -14.70 -20.89 0.89
C SER A 35 -15.45 -20.21 -0.26
N VAL A 36 -14.83 -19.28 -0.96
CA VAL A 36 -15.47 -18.64 -2.15
C VAL A 36 -15.82 -19.70 -3.21
N CYS A 37 -14.84 -20.53 -3.56
CA CYS A 37 -14.99 -21.65 -4.51
C CYS A 37 -16.05 -22.62 -3.96
N ALA A 38 -15.97 -22.99 -2.69
CA ALA A 38 -16.95 -23.87 -1.99
C ALA A 38 -18.36 -23.28 -2.12
N LYS A 39 -18.52 -21.99 -1.79
CA LYS A 39 -19.84 -21.31 -1.79
C LYS A 39 -20.39 -21.25 -3.23
N ILE A 40 -19.57 -20.89 -4.21
CA ILE A 40 -20.03 -20.75 -5.61
C ILE A 40 -20.64 -22.09 -6.06
N VAL A 41 -19.95 -23.18 -5.74
CA VAL A 41 -20.27 -24.56 -6.19
C VAL A 41 -21.51 -25.05 -5.44
N GLN A 42 -21.59 -24.83 -4.13
CA GLN A 42 -22.81 -25.08 -3.33
C GLN A 42 -24.02 -24.33 -3.95
N LEU A 43 -23.90 -23.04 -4.26
CA LEU A 43 -25.07 -22.22 -4.74
C LEU A 43 -25.51 -22.63 -6.15
N LEU A 44 -24.66 -23.30 -6.92
CA LEU A 44 -24.96 -23.78 -8.28
C LEU A 44 -25.53 -25.21 -8.24
N GLY A 45 -25.77 -25.74 -7.04
CA GLY A 45 -26.43 -27.04 -6.81
C GLY A 45 -25.51 -28.23 -7.07
N GLN A 46 -24.19 -28.05 -6.99
CA GLN A 46 -23.18 -29.06 -7.40
C GLN A 46 -22.89 -30.09 -6.30
N ASN A 47 -23.28 -29.86 -5.05
CA ASN A 47 -23.05 -30.82 -3.94
C ASN A 47 -24.18 -31.88 -3.94
N GLU A 48 -25.26 -31.60 -4.66
CA GLU A 48 -26.45 -32.48 -4.85
C GLU A 48 -26.24 -33.34 -6.11
N VAL A 49 -25.09 -33.18 -6.77
CA VAL A 49 -24.76 -33.81 -8.08
C VAL A 49 -23.64 -34.82 -7.87
N ASP A 50 -23.79 -36.00 -8.47
CA ASP A 50 -22.85 -37.14 -8.34
C ASP A 50 -21.54 -36.77 -9.04
N TYR A 51 -20.44 -37.29 -8.51
CA TYR A 51 -19.05 -36.83 -8.76
C TYR A 51 -18.71 -37.08 -10.25
N ARG A 52 -19.41 -38.02 -10.89
CA ARG A 52 -19.18 -38.42 -12.31
C ARG A 52 -19.84 -37.39 -13.23
N GLN A 53 -20.82 -36.64 -12.76
CA GLN A 53 -21.69 -35.78 -13.63
C GLN A 53 -21.56 -34.30 -13.29
N LYS A 54 -20.69 -33.89 -12.35
CA LYS A 54 -20.51 -32.49 -11.90
C LYS A 54 -20.15 -31.59 -13.08
N GLN A 55 -20.87 -30.49 -13.28
CA GLN A 55 -20.60 -29.49 -14.35
C GLN A 55 -19.58 -28.43 -13.88
N VAL A 56 -19.40 -28.24 -12.56
CA VAL A 56 -18.45 -27.24 -12.02
C VAL A 56 -17.58 -27.90 -10.95
N VAL A 57 -16.28 -28.04 -11.20
CA VAL A 57 -15.34 -28.74 -10.28
C VAL A 57 -14.34 -27.73 -9.73
N ILE A 58 -13.84 -27.99 -8.52
CA ILE A 58 -12.82 -27.16 -7.82
C ILE A 58 -11.53 -27.98 -7.74
N LEU A 59 -10.43 -27.41 -8.20
CA LEU A 59 -9.05 -27.94 -8.03
C LEU A 59 -8.26 -26.97 -7.17
N SER A 60 -7.48 -27.51 -6.24
CA SER A 60 -6.57 -26.73 -5.39
C SER A 60 -5.11 -26.92 -5.81
N GLN A 61 -4.35 -25.84 -5.86
CA GLN A 61 -2.89 -25.88 -6.10
C GLN A 61 -2.19 -26.77 -5.05
N ASP A 62 -2.72 -26.87 -3.83
CA ASP A 62 -2.03 -27.65 -2.77
CA ASP A 62 -2.16 -27.65 -2.70
C ASP A 62 -2.22 -29.16 -2.97
N SER A 63 -2.92 -29.59 -4.02
CA SER A 63 -2.95 -31.02 -4.45
C SER A 63 -1.66 -31.36 -5.21
N PHE A 64 -0.99 -30.34 -5.77
CA PHE A 64 0.13 -30.45 -6.72
C PHE A 64 1.44 -30.05 -6.04
N TYR A 65 1.58 -30.33 -4.74
CA TYR A 65 2.88 -30.22 -4.03
C TYR A 65 3.87 -31.18 -4.70
N ARG A 66 5.14 -30.76 -4.82
CA ARG A 66 6.22 -31.57 -5.45
C ARG A 66 6.52 -32.82 -4.60
N VAL A 67 6.74 -33.94 -5.26
CA VAL A 67 7.44 -35.12 -4.66
C VAL A 67 8.87 -34.65 -4.35
N LEU A 68 9.25 -34.58 -3.08
CA LEU A 68 10.48 -33.90 -2.64
C LEU A 68 11.71 -34.81 -2.84
N THR A 69 12.85 -34.21 -3.15
CA THR A 69 14.14 -34.92 -3.28
C THR A 69 14.73 -35.13 -1.88
N SER A 70 15.81 -35.90 -1.76
CA SER A 70 16.52 -36.22 -0.51
C SER A 70 16.92 -34.95 0.26
N GLU A 71 17.54 -33.98 -0.43
CA GLU A 71 18.07 -32.72 0.17
C GLU A 71 16.89 -31.82 0.55
N GLN A 72 15.77 -31.88 -0.18
CA GLN A 72 14.52 -31.13 0.12
C GLN A 72 13.82 -31.75 1.35
N LYS A 73 13.75 -33.10 1.43
CA LYS A 73 13.10 -33.81 2.56
C LYS A 73 13.89 -33.59 3.86
N ALA A 74 15.21 -33.41 3.74
CA ALA A 74 16.15 -33.13 4.85
C ALA A 74 15.82 -31.77 5.48
N LYS A 75 15.70 -30.71 4.65
CA LYS A 75 15.24 -29.36 5.06
C LYS A 75 13.85 -29.46 5.73
N ALA A 76 12.94 -30.27 5.19
CA ALA A 76 11.55 -30.43 5.68
C ALA A 76 11.50 -31.06 7.08
N LEU A 77 12.40 -32.01 7.39
CA LEU A 77 12.49 -32.63 8.75
C LEU A 77 12.98 -31.57 9.73
N LYS A 78 14.01 -30.82 9.36
CA LYS A 78 14.53 -29.68 10.16
C LYS A 78 13.47 -28.54 10.23
N GLY A 79 12.34 -28.69 9.52
CA GLY A 79 11.23 -27.71 9.45
C GLY A 79 11.60 -26.43 8.72
N GLN A 80 12.58 -26.45 7.81
CA GLN A 80 13.13 -25.25 7.12
C GLN A 80 12.88 -25.33 5.60
N PHE A 81 11.82 -26.00 5.16
CA PHE A 81 11.40 -26.01 3.73
C PHE A 81 10.11 -25.20 3.60
N ASN A 82 10.17 -24.12 2.82
CA ASN A 82 9.04 -23.19 2.63
C ASN A 82 8.04 -23.78 1.65
N PHE A 83 7.03 -24.47 2.15
CA PHE A 83 5.90 -25.01 1.34
C PHE A 83 5.03 -23.89 0.73
N ASP A 84 5.31 -22.60 1.01
CA ASP A 84 4.59 -21.48 0.35
C ASP A 84 5.47 -20.86 -0.75
N HIS A 85 6.68 -21.38 -0.96
CA HIS A 85 7.58 -20.99 -2.10
C HIS A 85 7.05 -21.60 -3.41
N PRO A 86 7.18 -20.89 -4.56
CA PRO A 86 6.79 -21.46 -5.84
C PRO A 86 7.43 -22.83 -6.13
N ASP A 87 8.62 -23.11 -5.60
CA ASP A 87 9.42 -24.36 -5.85
C ASP A 87 8.76 -25.57 -5.20
N ALA A 88 7.95 -25.35 -4.15
CA ALA A 88 7.28 -26.46 -3.43
C ALA A 88 6.14 -27.01 -4.29
N PHE A 89 5.77 -26.31 -5.38
CA PHE A 89 4.61 -26.63 -6.24
C PHE A 89 5.10 -27.19 -7.56
N ASP A 90 4.34 -28.17 -8.08
CA ASP A 90 4.70 -28.93 -9.30
C ASP A 90 4.06 -28.22 -10.49
N ASN A 91 4.72 -27.13 -10.89
CA ASN A 91 4.29 -26.22 -11.96
C ASN A 91 4.03 -27.03 -13.22
N GLU A 92 4.88 -28.02 -13.51
CA GLU A 92 4.85 -28.75 -14.81
C GLU A 92 3.70 -29.75 -14.75
N LEU A 93 3.43 -30.34 -13.60
CA LEU A 93 2.26 -31.26 -13.49
C LEU A 93 0.97 -30.42 -13.54
N ILE A 94 0.99 -29.23 -12.93
CA ILE A 94 -0.18 -28.29 -12.92
C ILE A 94 -0.51 -27.95 -14.37
N LEU A 95 0.51 -27.52 -15.12
CA LEU A 95 0.38 -27.08 -16.53
C LEU A 95 -0.13 -28.24 -17.38
N LYS A 96 0.55 -29.39 -17.28
CA LYS A 96 0.18 -30.64 -18.00
C LYS A 96 -1.30 -30.93 -17.73
N THR A 97 -1.68 -31.04 -16.46
CA THR A 97 -3.05 -31.44 -16.02
C THR A 97 -4.14 -30.46 -16.49
N LEU A 98 -3.89 -29.16 -16.44
CA LEU A 98 -4.87 -28.12 -16.82
C LEU A 98 -5.05 -28.17 -18.34
N LYS A 99 -3.95 -28.39 -19.07
CA LYS A 99 -3.95 -28.59 -20.54
C LYS A 99 -4.89 -29.76 -20.89
N GLU A 100 -4.67 -30.93 -20.30
CA GLU A 100 -5.50 -32.13 -20.56
C GLU A 100 -6.97 -31.74 -20.31
N ILE A 101 -7.28 -31.14 -19.15
CA ILE A 101 -8.65 -30.68 -18.80
C ILE A 101 -9.24 -29.86 -19.95
N THR A 102 -8.50 -28.88 -20.44
CA THR A 102 -8.86 -27.96 -21.57
C THR A 102 -9.24 -28.77 -22.81
N GLU A 103 -8.47 -29.81 -23.13
CA GLU A 103 -8.66 -30.66 -24.33
C GLU A 103 -9.84 -31.62 -24.14
N GLY A 104 -10.46 -31.63 -22.97
CA GLY A 104 -11.73 -32.35 -22.75
C GLY A 104 -11.51 -33.69 -22.09
N LYS A 105 -10.27 -33.96 -21.65
CA LYS A 105 -9.85 -35.29 -21.13
C LYS A 105 -10.14 -35.36 -19.64
N THR A 106 -10.41 -36.55 -19.11
CA THR A 106 -10.59 -36.80 -17.65
C THR A 106 -9.18 -36.92 -17.05
N VAL A 107 -8.98 -36.62 -15.76
CA VAL A 107 -7.59 -36.52 -15.20
C VAL A 107 -7.52 -37.10 -13.79
N GLN A 108 -6.29 -37.36 -13.34
CA GLN A 108 -5.99 -37.87 -11.99
C GLN A 108 -5.29 -36.75 -11.21
N ILE A 109 -5.83 -36.38 -10.06
CA ILE A 109 -5.26 -35.36 -9.13
C ILE A 109 -4.56 -36.15 -8.04
N PRO A 110 -3.28 -35.84 -7.72
CA PRO A 110 -2.59 -36.53 -6.61
C PRO A 110 -3.17 -36.28 -5.22
N VAL A 111 -2.91 -37.22 -4.32
CA VAL A 111 -3.20 -37.09 -2.87
C VAL A 111 -1.86 -37.16 -2.15
N TYR A 112 -1.52 -36.12 -1.39
CA TYR A 112 -0.14 -35.89 -0.90
C TYR A 112 0.02 -36.47 0.51
N ASP A 113 1.10 -37.24 0.70
CA ASP A 113 1.54 -37.76 2.02
C ASP A 113 2.64 -36.83 2.54
N PHE A 114 2.45 -36.28 3.74
CA PHE A 114 3.38 -35.31 4.38
C PHE A 114 4.37 -36.04 5.29
N VAL A 115 4.10 -37.30 5.64
CA VAL A 115 5.07 -38.20 6.33
C VAL A 115 6.25 -38.47 5.39
N SER A 116 5.97 -38.78 4.12
CA SER A 116 6.98 -39.23 3.12
C SER A 116 7.31 -38.11 2.12
N HIS A 117 6.54 -37.01 2.12
CA HIS A 117 6.67 -35.87 1.16
C HIS A 117 6.69 -36.42 -0.29
N SER A 118 5.77 -37.34 -0.56
CA SER A 118 5.53 -38.03 -1.85
C SER A 118 4.03 -38.17 -2.08
N ARG A 119 3.66 -38.67 -3.26
CA ARG A 119 2.22 -38.77 -3.60
C ARG A 119 1.75 -40.20 -3.35
N LYS A 120 0.59 -40.35 -2.73
CA LYS A 120 0.04 -41.69 -2.47
C LYS A 120 -0.34 -42.35 -3.80
N GLU A 121 -0.65 -43.65 -3.76
CA GLU A 121 -1.05 -44.38 -5.00
C GLU A 121 -2.48 -44.00 -5.36
N GLU A 122 -3.36 -43.96 -4.36
CA GLU A 122 -4.75 -43.45 -4.51
CA GLU A 122 -4.74 -43.45 -4.50
C GLU A 122 -4.69 -42.03 -5.09
N THR A 123 -5.33 -41.82 -6.25
CA THR A 123 -5.53 -40.48 -6.87
C THR A 123 -7.00 -40.07 -6.71
N VAL A 124 -7.34 -38.85 -7.13
CA VAL A 124 -8.73 -38.33 -7.24
C VAL A 124 -8.99 -38.15 -8.74
N THR A 125 -10.10 -38.68 -9.25
CA THR A 125 -10.49 -38.65 -10.68
C THR A 125 -11.35 -37.42 -10.90
N VAL A 126 -11.16 -36.72 -12.02
CA VAL A 126 -11.92 -35.48 -12.32
C VAL A 126 -12.44 -35.57 -13.76
N TYR A 127 -13.73 -35.88 -13.89
CA TYR A 127 -14.40 -36.07 -15.19
C TYR A 127 -14.56 -34.71 -15.85
N PRO A 128 -14.65 -34.69 -17.20
CA PRO A 128 -14.68 -33.44 -17.95
C PRO A 128 -15.83 -32.59 -17.40
N ALA A 129 -15.55 -31.32 -17.13
CA ALA A 129 -16.48 -30.34 -16.51
C ALA A 129 -16.73 -29.22 -17.51
N ASP A 130 -17.85 -28.51 -17.35
CA ASP A 130 -18.18 -27.29 -18.15
C ASP A 130 -17.37 -26.12 -17.63
N VAL A 131 -17.15 -26.05 -16.32
CA VAL A 131 -16.40 -24.95 -15.65
C VAL A 131 -15.46 -25.54 -14.60
N VAL A 132 -14.21 -25.09 -14.56
CA VAL A 132 -13.23 -25.57 -13.55
C VAL A 132 -12.68 -24.39 -12.78
N LEU A 133 -12.81 -24.41 -11.46
CA LEU A 133 -12.22 -23.40 -10.57
C LEU A 133 -10.85 -23.94 -10.13
N PHE A 134 -9.77 -23.28 -10.53
CA PHE A 134 -8.40 -23.59 -10.03
C PHE A 134 -7.98 -22.46 -9.10
N GLU A 135 -7.73 -22.85 -7.86
CA GLU A 135 -7.61 -22.00 -6.65
C GLU A 135 -6.25 -22.26 -5.99
N GLY A 136 -5.42 -21.23 -5.80
CA GLY A 136 -4.27 -21.39 -4.89
C GLY A 136 -3.50 -20.10 -4.69
N ILE A 137 -2.58 -20.10 -3.73
CA ILE A 137 -1.78 -18.90 -3.34
C ILE A 137 -0.90 -18.44 -4.49
N LEU A 138 -0.60 -19.32 -5.46
CA LEU A 138 0.36 -19.00 -6.55
C LEU A 138 -0.19 -19.44 -7.91
N ALA A 139 -1.51 -19.44 -8.06
CA ALA A 139 -2.26 -19.77 -9.31
C ALA A 139 -1.81 -18.91 -10.48
N PHE A 140 -1.37 -17.68 -10.21
CA PHE A 140 -1.09 -16.67 -11.26
C PHE A 140 0.43 -16.46 -11.43
N TYR A 141 1.26 -17.26 -10.74
CA TYR A 141 2.72 -17.05 -10.66
C TYR A 141 3.41 -17.36 -12.00
N SER A 142 3.04 -18.48 -12.63
CA SER A 142 3.62 -18.98 -13.91
C SER A 142 2.82 -18.43 -15.10
N GLN A 143 3.49 -17.86 -16.10
CA GLN A 143 2.83 -17.22 -17.27
C GLN A 143 1.99 -18.28 -18.01
N GLU A 144 2.54 -19.49 -18.16
CA GLU A 144 1.91 -20.57 -18.96
C GLU A 144 0.62 -21.02 -18.27
N VAL A 145 0.61 -21.10 -16.94
CA VAL A 145 -0.61 -21.47 -16.18
C VAL A 145 -1.60 -20.29 -16.23
N ARG A 146 -1.15 -19.05 -15.97
CA ARG A 146 -2.02 -17.85 -16.09
C ARG A 146 -2.79 -17.86 -17.42
N ASP A 147 -2.14 -18.27 -18.51
CA ASP A 147 -2.60 -17.95 -19.89
C ASP A 147 -3.69 -18.95 -20.28
N LEU A 148 -3.96 -19.95 -19.42
CA LEU A 148 -5.01 -20.98 -19.62
C LEU A 148 -6.35 -20.53 -19.04
N PHE A 149 -6.37 -19.52 -18.15
CA PHE A 149 -7.59 -19.10 -17.40
C PHE A 149 -8.36 -18.08 -18.25
N GLN A 150 -9.64 -18.30 -18.53
CA GLN A 150 -10.48 -17.28 -19.23
C GLN A 150 -10.73 -16.10 -18.30
N MET A 151 -10.96 -16.38 -17.02
CA MET A 151 -11.19 -15.35 -15.99
C MET A 151 -10.20 -15.54 -14.84
N LYS A 152 -9.63 -14.45 -14.31
CA LYS A 152 -8.73 -14.46 -13.15
C LYS A 152 -9.33 -13.62 -12.00
N LEU A 153 -9.59 -14.28 -10.88
CA LEU A 153 -10.17 -13.71 -9.64
C LEU A 153 -9.08 -13.68 -8.58
N PHE A 154 -8.86 -12.55 -7.90
CA PHE A 154 -7.96 -12.47 -6.74
C PHE A 154 -8.78 -12.10 -5.50
N VAL A 155 -8.76 -12.95 -4.48
CA VAL A 155 -9.50 -12.64 -3.22
C VAL A 155 -8.54 -11.84 -2.33
N ASP A 156 -8.79 -10.53 -2.29
CA ASP A 156 -7.94 -9.53 -1.61
C ASP A 156 -8.47 -9.30 -0.20
N THR A 157 -7.74 -9.81 0.79
CA THR A 157 -8.02 -9.60 2.22
C THR A 157 -6.73 -9.11 2.88
N ASP A 158 -6.82 -8.01 3.61
CA ASP A 158 -5.70 -7.38 4.36
C ASP A 158 -4.99 -8.49 5.14
N ALA A 159 -3.69 -8.39 5.26
CA ALA A 159 -2.85 -9.44 5.86
C ALA A 159 -3.18 -9.59 7.37
N ASP A 160 -3.45 -8.50 8.08
CA ASP A 160 -3.77 -8.58 9.55
C ASP A 160 -5.07 -9.39 9.67
N THR A 161 -6.10 -9.05 8.89
CA THR A 161 -7.37 -9.80 8.82
C THR A 161 -7.07 -11.28 8.57
N ARG A 162 -6.28 -11.56 7.53
CA ARG A 162 -5.98 -12.96 7.13
C ARG A 162 -5.29 -13.65 8.29
N LEU A 163 -4.36 -12.97 8.97
CA LEU A 163 -3.58 -13.61 10.04
C LEU A 163 -4.51 -13.98 11.21
N SER A 164 -5.43 -13.09 11.61
CA SER A 164 -6.40 -13.40 12.69
C SER A 164 -7.18 -14.67 12.29
N ARG A 165 -7.63 -14.75 11.05
CA ARG A 165 -8.37 -15.94 10.54
C ARG A 165 -7.47 -17.17 10.65
N ARG A 166 -6.23 -17.06 10.19
CA ARG A 166 -5.28 -18.20 10.17
C ARG A 166 -5.16 -18.74 11.60
N VAL A 167 -5.07 -17.84 12.57
CA VAL A 167 -4.74 -18.19 13.98
C VAL A 167 -5.94 -18.95 14.57
N LEU A 168 -7.16 -18.48 14.34
CA LEU A 168 -8.37 -19.09 14.96
C LEU A 168 -8.61 -20.47 14.34
N ARG A 169 -8.50 -20.56 13.02
CA ARG A 169 -8.64 -21.81 12.24
C ARG A 169 -7.64 -22.84 12.77
N ASP A 170 -6.34 -22.51 12.85
CA ASP A 170 -5.24 -23.48 13.14
C ASP A 170 -5.25 -23.94 14.61
N ILE A 171 -5.78 -23.11 15.54
CA ILE A 171 -5.92 -23.43 16.99
C ILE A 171 -7.12 -24.35 17.20
N SER A 172 -8.19 -24.19 16.39
CA SER A 172 -9.57 -24.69 16.67
C SER A 172 -9.79 -26.08 16.05
N GLU A 173 -9.47 -26.26 14.76
CA GLU A 173 -9.78 -27.51 13.99
C GLU A 173 -8.54 -28.38 13.85
N ARG A 174 -7.34 -27.80 13.98
CA ARG A 174 -6.06 -28.52 14.27
C ARG A 174 -5.70 -28.23 15.74
N GLY A 175 -4.76 -28.99 16.31
CA GLY A 175 -4.29 -28.79 17.70
C GLY A 175 -2.95 -28.08 17.74
N ARG A 176 -2.75 -27.10 16.86
CA ARG A 176 -1.46 -26.37 16.70
C ARG A 176 -1.35 -25.31 17.81
N ASP A 177 -0.11 -25.03 18.22
CA ASP A 177 0.24 -24.11 19.34
C ASP A 177 0.43 -22.71 18.75
N LEU A 178 0.07 -21.68 19.51
CA LEU A 178 0.01 -20.27 19.05
C LEU A 178 1.40 -19.75 18.67
N GLU A 179 2.44 -20.13 19.41
CA GLU A 179 3.83 -19.67 19.13
C GLU A 179 4.28 -20.27 17.80
N GLN A 180 4.07 -21.57 17.63
CA GLN A 180 4.45 -22.31 16.40
C GLN A 180 3.74 -21.65 15.19
N ILE A 181 2.45 -21.28 15.32
CA ILE A 181 1.64 -20.68 14.20
C ILE A 181 2.26 -19.34 13.79
N LEU A 182 2.64 -18.53 14.76
CA LEU A 182 3.14 -17.16 14.48
C LEU A 182 4.61 -17.19 14.07
N SER A 183 5.42 -18.12 14.60
CA SER A 183 6.79 -18.44 14.10
C SER A 183 6.73 -18.76 12.61
N GLN A 184 5.90 -19.72 12.24
CA GLN A 184 5.77 -20.14 10.83
C GLN A 184 5.26 -18.97 9.99
N TYR A 185 4.25 -18.23 10.48
CA TYR A 185 3.66 -17.11 9.70
C TYR A 185 4.79 -16.11 9.43
N ILE A 186 5.49 -15.66 10.47
CA ILE A 186 6.46 -14.53 10.37
C ILE A 186 7.68 -14.96 9.54
N THR A 187 8.17 -16.18 9.75
CA THR A 187 9.41 -16.67 9.11
C THR A 187 9.15 -17.07 7.65
N PHE A 188 8.01 -17.68 7.33
CA PHE A 188 7.79 -18.40 6.04
C PHE A 188 6.60 -17.86 5.24
N VAL A 189 5.41 -17.81 5.82
CA VAL A 189 4.17 -17.47 5.07
C VAL A 189 4.24 -16.01 4.59
N LYS A 190 4.47 -15.06 5.51
CA LYS A 190 4.45 -13.60 5.21
C LYS A 190 5.44 -13.29 4.08
N PRO A 191 6.76 -13.59 4.22
CA PRO A 191 7.75 -13.25 3.19
C PRO A 191 7.45 -13.86 1.80
N ALA A 192 6.98 -15.11 1.77
CA ALA A 192 6.59 -15.80 0.53
C ALA A 192 5.36 -15.12 -0.08
N PHE A 193 4.38 -14.75 0.75
CA PHE A 193 3.20 -13.98 0.23
C PHE A 193 3.71 -12.70 -0.42
N GLU A 194 4.58 -11.95 0.24
CA GLU A 194 5.00 -10.59 -0.22
C GLU A 194 5.87 -10.71 -1.47
N GLU A 195 6.74 -11.71 -1.55
CA GLU A 195 7.68 -11.81 -2.69
C GLU A 195 6.96 -12.44 -3.91
N PHE A 196 6.14 -13.48 -3.76
CA PHE A 196 5.66 -14.29 -4.91
C PHE A 196 4.16 -14.10 -5.20
N CYS A 197 3.28 -13.97 -4.19
CA CYS A 197 1.81 -13.97 -4.38
C CYS A 197 1.33 -12.55 -4.74
N LEU A 198 1.63 -11.57 -3.89
CA LEU A 198 1.10 -10.18 -4.00
C LEU A 198 1.48 -9.54 -5.35
N PRO A 199 2.72 -9.69 -5.86
CA PRO A 199 3.03 -9.19 -7.20
C PRO A 199 2.17 -9.79 -8.33
N THR A 200 1.46 -10.90 -8.10
CA THR A 200 0.52 -11.50 -9.11
C THR A 200 -0.89 -10.89 -9.03
N LYS A 201 -1.16 -9.96 -8.12
CA LYS A 201 -2.53 -9.38 -8.02
C LYS A 201 -2.88 -8.64 -9.32
N LYS A 202 -1.88 -8.05 -9.98
CA LYS A 202 -2.03 -7.17 -11.15
C LYS A 202 -2.52 -7.93 -12.37
N TYR A 203 -2.49 -9.28 -12.38
CA TYR A 203 -2.98 -10.11 -13.50
C TYR A 203 -4.48 -10.43 -13.37
N ALA A 204 -5.08 -10.09 -12.24
CA ALA A 204 -6.48 -10.47 -11.98
C ALA A 204 -7.40 -9.60 -12.85
N ASP A 205 -8.48 -10.20 -13.31
CA ASP A 205 -9.55 -9.50 -14.08
C ASP A 205 -10.47 -8.81 -13.08
N VAL A 206 -10.74 -9.47 -11.97
CA VAL A 206 -11.75 -9.07 -10.97
C VAL A 206 -11.14 -9.36 -9.60
N ILE A 207 -11.19 -8.38 -8.71
CA ILE A 207 -10.76 -8.55 -7.31
C ILE A 207 -12.02 -8.64 -6.44
N ILE A 208 -12.04 -9.64 -5.57
CA ILE A 208 -13.16 -9.96 -4.66
C ILE A 208 -12.61 -9.68 -3.27
N PRO A 209 -12.98 -8.55 -2.63
CA PRO A 209 -12.53 -8.27 -1.27
C PRO A 209 -13.20 -9.18 -0.25
N ARG A 210 -12.45 -9.52 0.80
CA ARG A 210 -12.91 -10.01 2.15
CA ARG A 210 -12.95 -10.00 2.14
C ARG A 210 -13.12 -11.52 2.13
N GLY A 211 -13.65 -12.07 1.04
CA GLY A 211 -13.83 -13.52 0.92
C GLY A 211 -15.29 -13.87 0.92
N ALA A 212 -15.65 -14.91 1.67
CA ALA A 212 -16.85 -15.75 1.48
C ALA A 212 -18.11 -15.03 1.99
N ASP A 213 -17.93 -14.03 2.85
CA ASP A 213 -19.06 -13.22 3.38
C ASP A 213 -19.45 -12.19 2.32
N ASN A 214 -18.68 -12.05 1.23
CA ASN A 214 -18.98 -11.07 0.16
C ASN A 214 -20.03 -11.67 -0.77
N LEU A 215 -21.28 -11.69 -0.33
CA LEU A 215 -22.39 -12.36 -1.07
C LEU A 215 -22.61 -11.69 -2.42
N VAL A 216 -22.41 -10.39 -2.53
CA VAL A 216 -22.68 -9.70 -3.84
C VAL A 216 -21.70 -10.23 -4.89
N ALA A 217 -20.40 -10.33 -4.55
CA ALA A 217 -19.37 -10.79 -5.50
C ALA A 217 -19.64 -12.27 -5.83
N ILE A 218 -19.90 -13.09 -4.83
CA ILE A 218 -20.17 -14.55 -5.05
C ILE A 218 -21.38 -14.69 -6.00
N ASN A 219 -22.53 -14.07 -5.71
CA ASN A 219 -23.76 -14.17 -6.55
C ASN A 219 -23.42 -13.72 -7.99
N LEU A 220 -22.64 -12.66 -8.13
CA LEU A 220 -22.22 -12.17 -9.46
C LEU A 220 -21.46 -13.28 -10.23
N ILE A 221 -20.56 -14.03 -9.57
CA ILE A 221 -19.78 -15.10 -10.26
C ILE A 221 -20.69 -16.31 -10.45
N VAL A 222 -21.53 -16.67 -9.46
CA VAL A 222 -22.52 -17.77 -9.62
C VAL A 222 -23.34 -17.52 -10.89
N GLN A 223 -23.99 -16.35 -11.00
CA GLN A 223 -24.85 -15.90 -12.13
CA GLN A 223 -24.89 -16.05 -12.12
C GLN A 223 -24.10 -16.09 -13.45
N HIS A 224 -22.81 -15.72 -13.45
CA HIS A 224 -21.96 -15.75 -14.67
C HIS A 224 -21.75 -17.21 -15.09
N ILE A 225 -21.50 -18.11 -14.13
CA ILE A 225 -21.26 -19.55 -14.42
C ILE A 225 -22.58 -20.16 -14.89
N GLN A 226 -23.68 -19.86 -14.19
CA GLN A 226 -25.07 -20.24 -14.55
C GLN A 226 -25.32 -19.96 -16.03
N ASP A 227 -25.07 -18.74 -16.51
CA ASP A 227 -25.30 -18.37 -17.94
C ASP A 227 -24.46 -19.28 -18.83
N ILE A 228 -23.19 -19.48 -18.48
CA ILE A 228 -22.24 -20.34 -19.25
C ILE A 228 -22.86 -21.74 -19.40
N LEU A 229 -23.40 -22.33 -18.33
CA LEU A 229 -24.02 -23.68 -18.32
C LEU A 229 -25.24 -23.76 -19.26
N ASN A 230 -25.70 -22.64 -19.86
CA ASN A 230 -26.94 -22.57 -20.69
C ASN A 230 -26.66 -21.94 -22.06
N GLY A 231 -25.41 -21.62 -22.40
CA GLY A 231 -25.03 -20.77 -23.56
C GLY A 231 -25.50 -21.34 -24.88
N GLU B 19 -38.68 -2.16 -8.02
CA GLU B 19 -37.90 -0.88 -8.00
C GLU B 19 -36.59 -1.01 -8.76
N PRO B 20 -36.01 0.09 -9.28
CA PRO B 20 -34.82 -0.02 -10.12
C PRO B 20 -33.58 -0.45 -9.33
N PHE B 21 -32.59 -0.99 -10.03
CA PHE B 21 -31.35 -1.57 -9.48
C PHE B 21 -30.26 -0.49 -9.55
N LEU B 22 -29.80 -0.01 -8.39
CA LEU B 22 -28.78 1.06 -8.29
C LEU B 22 -27.40 0.45 -8.15
N ILE B 23 -26.54 0.68 -9.14
CA ILE B 23 -25.10 0.36 -9.08
C ILE B 23 -24.33 1.65 -8.80
N GLY B 24 -23.58 1.65 -7.69
CA GLY B 24 -22.60 2.68 -7.32
C GLY B 24 -21.22 2.34 -7.84
N VAL B 25 -20.58 3.29 -8.52
CA VAL B 25 -19.22 3.13 -9.08
C VAL B 25 -18.35 4.26 -8.59
N SER B 26 -17.22 3.94 -7.97
CA SER B 26 -16.24 4.96 -7.50
C SER B 26 -14.85 4.57 -7.96
N GLY B 27 -13.87 5.33 -7.49
CA GLY B 27 -12.46 5.24 -7.89
C GLY B 27 -11.93 6.64 -8.09
N GLY B 28 -10.61 6.77 -8.12
CA GLY B 28 -9.94 8.08 -8.24
C GLY B 28 -10.22 8.71 -9.58
N THR B 29 -9.94 10.02 -9.71
CA THR B 29 -9.90 10.75 -11.01
CA THR B 29 -10.01 10.68 -11.04
C THR B 29 -9.04 9.93 -11.97
N ALA B 30 -9.56 9.60 -13.14
CA ALA B 30 -8.89 8.98 -14.31
C ALA B 30 -8.65 7.48 -14.08
N SER B 31 -9.34 6.89 -13.09
CA SER B 31 -9.39 5.42 -12.84
C SER B 31 -10.03 4.70 -14.04
N GLY B 32 -10.94 5.36 -14.73
CA GLY B 32 -11.68 4.80 -15.87
C GLY B 32 -13.12 4.52 -15.54
N LYS B 33 -13.56 4.85 -14.34
CA LYS B 33 -14.93 4.55 -13.86
C LYS B 33 -15.95 5.14 -14.84
N SER B 34 -15.65 6.27 -15.46
CA SER B 34 -16.57 6.96 -16.42
C SER B 34 -16.62 6.19 -17.74
N SER B 35 -15.47 5.80 -18.28
CA SER B 35 -15.37 4.96 -19.48
C SER B 35 -15.95 3.56 -19.22
N VAL B 36 -15.81 3.02 -18.00
CA VAL B 36 -16.40 1.69 -17.66
C VAL B 36 -17.93 1.76 -17.81
N CYS B 37 -18.56 2.77 -17.22
CA CYS B 37 -20.02 3.07 -17.34
C CYS B 37 -20.40 3.29 -18.82
N ALA B 38 -19.67 4.13 -19.58
CA ALA B 38 -19.92 4.35 -21.03
C ALA B 38 -19.92 3.01 -21.79
N LYS B 39 -18.87 2.21 -21.64
CA LYS B 39 -18.70 0.90 -22.35
C LYS B 39 -19.86 -0.03 -21.96
N ILE B 40 -20.17 -0.16 -20.67
CA ILE B 40 -21.26 -1.07 -20.22
C ILE B 40 -22.54 -0.74 -20.98
N VAL B 41 -22.85 0.53 -21.05
CA VAL B 41 -24.11 1.06 -21.66
C VAL B 41 -24.04 0.86 -23.18
N GLN B 42 -22.87 1.03 -23.78
CA GLN B 42 -22.66 0.85 -25.25
C GLN B 42 -22.85 -0.63 -25.62
N LEU B 43 -22.37 -1.57 -24.78
CA LEU B 43 -22.50 -3.03 -25.05
C LEU B 43 -23.92 -3.51 -24.74
N LEU B 44 -24.75 -2.74 -24.03
CA LEU B 44 -26.16 -3.12 -23.73
C LEU B 44 -27.12 -2.50 -24.75
N GLY B 45 -26.59 -1.78 -25.76
CA GLY B 45 -27.34 -1.21 -26.89
C GLY B 45 -28.19 0.00 -26.52
N GLN B 46 -27.85 0.71 -25.44
CA GLN B 46 -28.66 1.83 -24.87
C GLN B 46 -28.38 3.14 -25.62
N ASN B 47 -27.26 3.22 -26.34
CA ASN B 47 -26.88 4.43 -27.11
C ASN B 47 -27.85 4.62 -28.26
N GLU B 48 -28.49 3.54 -28.73
CA GLU B 48 -29.51 3.52 -29.81
C GLU B 48 -30.90 3.86 -29.24
N VAL B 49 -31.29 3.22 -28.13
CA VAL B 49 -32.64 3.38 -27.51
C VAL B 49 -32.91 4.87 -27.26
N ASP B 50 -34.17 5.28 -27.41
CA ASP B 50 -34.62 6.69 -27.24
C ASP B 50 -34.62 7.05 -25.75
N TYR B 51 -34.19 8.26 -25.40
CA TYR B 51 -34.06 8.80 -24.01
C TYR B 51 -35.24 8.36 -23.12
N ARG B 52 -36.46 8.34 -23.68
CA ARG B 52 -37.72 8.12 -22.91
C ARG B 52 -37.88 6.64 -22.53
N GLN B 53 -37.17 5.75 -23.23
CA GLN B 53 -37.34 4.26 -23.17
C GLN B 53 -36.05 3.54 -22.71
N LYS B 54 -35.04 4.31 -22.26
CA LYS B 54 -33.71 3.78 -21.84
C LYS B 54 -33.92 2.96 -20.56
N GLN B 55 -33.43 1.73 -20.52
CA GLN B 55 -33.57 0.86 -19.33
C GLN B 55 -32.34 1.00 -18.41
N VAL B 56 -31.22 1.51 -18.92
CA VAL B 56 -29.96 1.70 -18.16
C VAL B 56 -29.44 3.12 -18.42
N VAL B 57 -29.23 3.88 -17.35
CA VAL B 57 -28.77 5.29 -17.44
C VAL B 57 -27.61 5.49 -16.49
N ILE B 58 -26.67 6.36 -16.89
CA ILE B 58 -25.50 6.80 -16.08
C ILE B 58 -25.82 8.17 -15.47
N LEU B 59 -25.76 8.25 -14.14
CA LEU B 59 -25.69 9.50 -13.34
C LEU B 59 -24.26 9.72 -12.85
N SER B 60 -23.79 10.96 -12.91
CA SER B 60 -22.43 11.40 -12.48
C SER B 60 -22.55 12.25 -11.23
N GLN B 61 -21.69 11.99 -10.25
CA GLN B 61 -21.71 12.74 -8.97
C GLN B 61 -21.37 14.20 -9.30
N ASP B 62 -20.50 14.40 -10.28
CA ASP B 62 -20.01 15.68 -10.86
CA ASP B 62 -20.02 15.75 -10.68
C ASP B 62 -21.18 16.60 -11.25
N SER B 63 -22.34 16.01 -11.54
CA SER B 63 -23.57 16.77 -11.89
C SER B 63 -24.13 17.48 -10.64
N PHE B 64 -23.78 17.04 -9.43
CA PHE B 64 -24.42 17.46 -8.17
C PHE B 64 -23.45 18.29 -7.30
N TYR B 65 -22.54 19.05 -7.90
CA TYR B 65 -21.77 20.08 -7.18
C TYR B 65 -22.73 21.03 -6.44
N ARG B 66 -22.37 21.40 -5.21
CA ARG B 66 -23.12 22.40 -4.38
C ARG B 66 -23.08 23.77 -5.04
N VAL B 67 -24.17 24.53 -4.88
CA VAL B 67 -24.16 26.01 -5.04
C VAL B 67 -23.25 26.56 -3.93
N LEU B 68 -22.17 27.21 -4.31
CA LEU B 68 -21.17 27.69 -3.32
C LEU B 68 -21.71 28.94 -2.60
N THR B 69 -21.46 29.03 -1.29
CA THR B 69 -21.59 30.27 -0.47
C THR B 69 -20.54 31.29 -0.92
N SER B 70 -20.72 32.57 -0.59
CA SER B 70 -19.83 33.70 -0.98
C SER B 70 -18.40 33.39 -0.50
N GLU B 71 -18.27 32.94 0.75
CA GLU B 71 -17.01 32.45 1.37
C GLU B 71 -16.31 31.45 0.43
N GLN B 72 -17.00 30.40 -0.01
CA GLN B 72 -16.43 29.35 -0.91
C GLN B 72 -16.20 29.89 -2.31
N LYS B 73 -17.15 30.66 -2.85
CA LYS B 73 -17.03 31.31 -4.18
C LYS B 73 -15.77 32.17 -4.19
N ALA B 74 -15.46 32.78 -3.04
CA ALA B 74 -14.26 33.63 -2.84
C ALA B 74 -12.99 32.75 -2.92
N LYS B 75 -12.96 31.62 -2.22
CA LYS B 75 -11.85 30.64 -2.26
C LYS B 75 -11.70 30.13 -3.69
N ALA B 76 -12.81 29.80 -4.36
CA ALA B 76 -12.81 29.26 -5.73
C ALA B 76 -12.18 30.25 -6.73
N LEU B 77 -12.47 31.55 -6.63
CA LEU B 77 -11.92 32.60 -7.54
C LEU B 77 -10.39 32.66 -7.44
N LYS B 78 -9.85 32.38 -6.24
CA LYS B 78 -8.39 32.37 -5.91
C LYS B 78 -7.77 30.98 -6.17
N GLY B 79 -8.51 30.06 -6.80
CA GLY B 79 -8.04 28.67 -7.05
C GLY B 79 -7.69 27.94 -5.77
N GLN B 80 -8.49 28.09 -4.71
CA GLN B 80 -8.23 27.48 -3.38
C GLN B 80 -9.43 26.66 -2.88
N PHE B 81 -10.50 26.55 -3.66
CA PHE B 81 -11.64 25.67 -3.29
C PHE B 81 -11.37 24.29 -3.89
N ASN B 82 -11.36 23.28 -3.04
CA ASN B 82 -11.10 21.88 -3.46
C ASN B 82 -12.41 21.20 -3.87
N PHE B 83 -12.69 21.18 -5.18
CA PHE B 83 -13.85 20.49 -5.81
C PHE B 83 -13.77 18.97 -5.64
N ASP B 84 -12.68 18.42 -5.09
CA ASP B 84 -12.54 16.97 -4.81
C ASP B 84 -12.83 16.70 -3.33
N HIS B 85 -13.12 17.72 -2.53
CA HIS B 85 -13.48 17.57 -1.09
C HIS B 85 -14.96 17.15 -1.01
N PRO B 86 -15.35 16.27 -0.07
CA PRO B 86 -16.76 15.91 0.11
C PRO B 86 -17.74 17.10 0.15
N ASP B 87 -17.29 18.23 0.71
CA ASP B 87 -18.11 19.45 0.95
C ASP B 87 -18.56 20.04 -0.38
N ALA B 88 -17.82 19.81 -1.45
CA ALA B 88 -18.18 20.31 -2.79
C ALA B 88 -19.37 19.53 -3.37
N PHE B 89 -19.79 18.40 -2.79
CA PHE B 89 -20.93 17.65 -3.38
C PHE B 89 -22.17 17.90 -2.53
N ASP B 90 -23.30 18.07 -3.22
CA ASP B 90 -24.62 18.29 -2.62
C ASP B 90 -25.23 16.94 -2.28
N ASN B 91 -24.78 16.33 -1.18
CA ASN B 91 -25.25 14.99 -0.76
C ASN B 91 -26.77 14.97 -0.62
N GLU B 92 -27.38 16.09 -0.21
CA GLU B 92 -28.85 16.17 0.06
C GLU B 92 -29.57 15.94 -1.26
N LEU B 93 -29.17 16.68 -2.31
CA LEU B 93 -29.76 16.53 -3.67
C LEU B 93 -29.51 15.12 -4.24
N ILE B 94 -28.29 14.59 -4.10
CA ILE B 94 -27.93 13.22 -4.55
C ILE B 94 -28.93 12.27 -3.91
N LEU B 95 -29.01 12.27 -2.57
CA LEU B 95 -29.87 11.41 -1.75
C LEU B 95 -31.32 11.50 -2.27
N LYS B 96 -31.86 12.71 -2.35
CA LYS B 96 -33.23 13.01 -2.82
C LYS B 96 -33.44 12.40 -4.19
N THR B 97 -32.57 12.73 -5.14
CA THR B 97 -32.70 12.31 -6.56
C THR B 97 -32.71 10.78 -6.68
N LEU B 98 -31.87 10.08 -5.91
CA LEU B 98 -31.70 8.61 -6.01
C LEU B 98 -32.90 7.92 -5.33
N LYS B 99 -33.34 8.44 -4.19
CA LYS B 99 -34.55 7.95 -3.49
C LYS B 99 -35.78 8.14 -4.40
N GLU B 100 -35.83 9.19 -5.21
CA GLU B 100 -36.93 9.47 -6.18
C GLU B 100 -36.90 8.43 -7.30
N ILE B 101 -35.75 8.25 -7.95
CA ILE B 101 -35.51 7.19 -8.97
C ILE B 101 -36.00 5.83 -8.43
N THR B 102 -35.70 5.54 -7.17
CA THR B 102 -36.08 4.34 -6.38
C THR B 102 -37.60 4.25 -6.22
N GLU B 103 -38.29 5.39 -6.18
CA GLU B 103 -39.76 5.49 -6.01
C GLU B 103 -40.43 5.46 -7.39
N GLY B 104 -39.65 5.28 -8.47
CA GLY B 104 -40.16 5.24 -9.87
C GLY B 104 -40.38 6.62 -10.47
N LYS B 105 -40.01 7.71 -9.79
CA LYS B 105 -40.34 9.10 -10.24
C LYS B 105 -39.34 9.55 -11.31
N THR B 106 -39.80 10.34 -12.29
CA THR B 106 -38.93 11.10 -13.22
C THR B 106 -38.20 12.15 -12.39
N VAL B 107 -36.95 12.44 -12.75
CA VAL B 107 -36.07 13.36 -11.98
C VAL B 107 -35.46 14.32 -12.97
N GLN B 108 -35.14 15.53 -12.50
CA GLN B 108 -34.26 16.50 -13.22
C GLN B 108 -32.87 16.43 -12.56
N ILE B 109 -31.82 16.33 -13.38
CA ILE B 109 -30.39 16.38 -12.98
C ILE B 109 -29.90 17.80 -13.23
N PRO B 110 -29.30 18.49 -12.24
CA PRO B 110 -28.76 19.83 -12.48
C PRO B 110 -27.76 19.81 -13.62
N VAL B 111 -27.51 20.99 -14.21
CA VAL B 111 -26.31 21.29 -15.03
C VAL B 111 -25.63 22.50 -14.39
N TYR B 112 -24.31 22.46 -14.22
CA TYR B 112 -23.57 23.39 -13.31
C TYR B 112 -22.85 24.48 -14.13
N ASP B 113 -22.83 25.70 -13.58
CA ASP B 113 -22.01 26.85 -14.08
C ASP B 113 -20.84 27.09 -13.11
N PHE B 114 -19.61 26.91 -13.59
CA PHE B 114 -18.33 27.11 -12.86
C PHE B 114 -17.85 28.56 -13.01
N VAL B 115 -18.79 29.49 -13.13
CA VAL B 115 -18.56 30.97 -13.13
C VAL B 115 -19.27 31.51 -11.89
N SER B 116 -20.59 31.32 -11.83
CA SER B 116 -21.48 31.73 -10.71
C SER B 116 -21.38 30.70 -9.57
N HIS B 117 -20.83 29.51 -9.86
CA HIS B 117 -20.72 28.36 -8.93
C HIS B 117 -22.12 28.05 -8.38
N SER B 118 -23.07 27.91 -9.31
CA SER B 118 -24.52 27.63 -9.13
C SER B 118 -25.07 26.94 -10.40
N ARG B 119 -26.38 26.64 -10.44
CA ARG B 119 -27.01 25.69 -11.40
C ARG B 119 -27.80 26.45 -12.49
N LYS B 120 -27.61 26.07 -13.76
CA LYS B 120 -28.19 26.74 -14.95
C LYS B 120 -29.73 26.69 -14.98
N GLU B 121 -30.31 27.35 -15.98
CA GLU B 121 -31.74 27.24 -16.36
C GLU B 121 -31.98 25.77 -16.72
N GLU B 122 -31.30 25.28 -17.77
CA GLU B 122 -31.54 23.94 -18.37
C GLU B 122 -31.29 22.88 -17.30
N THR B 123 -32.12 21.83 -17.29
CA THR B 123 -31.89 20.57 -16.53
C THR B 123 -31.86 19.43 -17.54
N VAL B 124 -31.59 18.22 -17.09
CA VAL B 124 -31.57 16.97 -17.91
C VAL B 124 -32.61 16.04 -17.27
N THR B 125 -33.59 15.59 -18.04
CA THR B 125 -34.70 14.74 -17.54
C THR B 125 -34.22 13.29 -17.63
N VAL B 126 -34.44 12.53 -16.57
CA VAL B 126 -34.13 11.07 -16.57
C VAL B 126 -35.41 10.34 -16.21
N TYR B 127 -35.94 9.59 -17.17
CA TYR B 127 -37.20 8.83 -17.00
C TYR B 127 -36.86 7.55 -16.25
N PRO B 128 -37.86 6.95 -15.56
CA PRO B 128 -37.60 5.80 -14.70
C PRO B 128 -36.87 4.74 -15.55
N ALA B 129 -35.69 4.34 -15.11
CA ALA B 129 -34.87 3.26 -15.70
C ALA B 129 -34.95 2.04 -14.77
N ASP B 130 -34.70 0.84 -15.31
CA ASP B 130 -34.59 -0.42 -14.53
C ASP B 130 -33.23 -0.51 -13.80
N VAL B 131 -32.19 0.13 -14.34
CA VAL B 131 -30.82 0.10 -13.75
C VAL B 131 -30.17 1.49 -13.92
N VAL B 132 -29.61 2.01 -12.84
CA VAL B 132 -28.88 3.31 -12.73
C VAL B 132 -27.44 3.00 -12.30
N LEU B 133 -26.46 3.43 -13.09
CA LEU B 133 -25.05 3.54 -12.67
C LEU B 133 -24.84 4.94 -12.09
N PHE B 134 -24.69 5.05 -10.78
CA PHE B 134 -24.22 6.29 -10.13
C PHE B 134 -22.70 6.22 -9.95
N GLU B 135 -22.00 7.14 -10.60
CA GLU B 135 -20.54 7.12 -10.83
C GLU B 135 -19.95 8.38 -10.20
N GLY B 136 -18.99 8.27 -9.29
CA GLY B 136 -18.19 9.44 -8.89
C GLY B 136 -17.09 9.14 -7.90
N ILE B 137 -16.18 10.11 -7.70
CA ILE B 137 -14.97 10.01 -6.82
C ILE B 137 -15.37 9.77 -5.36
N LEU B 138 -16.58 10.13 -4.93
CA LEU B 138 -16.96 10.07 -3.50
C LEU B 138 -18.35 9.48 -3.36
N ALA B 139 -18.68 8.49 -4.19
CA ALA B 139 -20.04 7.91 -4.25
C ALA B 139 -20.30 7.05 -3.03
N PHE B 140 -19.25 6.58 -2.35
CA PHE B 140 -19.40 5.72 -1.14
C PHE B 140 -19.06 6.51 0.13
N TYR B 141 -18.68 7.78 0.01
CA TYR B 141 -18.27 8.60 1.19
C TYR B 141 -19.43 8.78 2.19
N SER B 142 -20.61 9.08 1.70
CA SER B 142 -21.83 9.33 2.51
C SER B 142 -22.55 8.00 2.75
N GLN B 143 -22.76 7.63 4.02
CA GLN B 143 -23.38 6.35 4.44
C GLN B 143 -24.78 6.20 3.85
N GLU B 144 -25.53 7.30 3.83
CA GLU B 144 -26.93 7.40 3.37
C GLU B 144 -26.97 7.12 1.86
N VAL B 145 -26.05 7.73 1.09
CA VAL B 145 -25.91 7.49 -0.37
C VAL B 145 -25.47 6.04 -0.57
N ARG B 146 -24.36 5.65 0.07
CA ARG B 146 -23.72 4.31 -0.11
C ARG B 146 -24.75 3.20 0.16
N ASP B 147 -25.63 3.36 1.15
CA ASP B 147 -26.61 2.31 1.60
C ASP B 147 -27.73 2.11 0.57
N LEU B 148 -27.92 3.03 -0.38
CA LEU B 148 -28.90 2.88 -1.49
C LEU B 148 -28.45 1.84 -2.52
N PHE B 149 -27.15 1.57 -2.63
CA PHE B 149 -26.58 0.82 -3.77
C PHE B 149 -26.69 -0.69 -3.46
N GLN B 150 -27.31 -1.44 -4.36
CA GLN B 150 -27.42 -2.91 -4.23
C GLN B 150 -26.08 -3.53 -4.65
N MET B 151 -25.33 -2.86 -5.52
CA MET B 151 -23.95 -3.27 -5.89
C MET B 151 -23.02 -2.06 -5.89
N LYS B 152 -21.83 -2.21 -5.29
CA LYS B 152 -20.79 -1.16 -5.26
C LYS B 152 -19.53 -1.68 -5.96
N LEU B 153 -19.18 -1.02 -7.07
CA LEU B 153 -17.99 -1.28 -7.89
C LEU B 153 -16.97 -0.17 -7.61
N PHE B 154 -15.72 -0.53 -7.41
CA PHE B 154 -14.60 0.41 -7.28
C PHE B 154 -13.58 0.09 -8.37
N VAL B 155 -13.36 1.05 -9.26
CA VAL B 155 -12.36 0.96 -10.34
C VAL B 155 -11.02 1.37 -9.73
N ASP B 156 -10.15 0.38 -9.51
CA ASP B 156 -8.85 0.54 -8.82
C ASP B 156 -7.74 0.65 -9.86
N THR B 157 -7.22 1.84 -10.07
CA THR B 157 -6.11 2.12 -11.02
C THR B 157 -5.02 2.86 -10.26
N ASP B 158 -3.78 2.37 -10.33
CA ASP B 158 -2.61 2.93 -9.63
C ASP B 158 -2.58 4.46 -9.87
N ALA B 159 -2.21 5.21 -8.84
CA ALA B 159 -2.15 6.68 -8.80
C ALA B 159 -1.18 7.23 -9.87
N ASP B 160 -0.08 6.53 -10.16
CA ASP B 160 0.90 7.04 -11.15
C ASP B 160 0.29 6.88 -12.55
N THR B 161 -0.34 5.72 -12.81
CA THR B 161 -1.16 5.46 -14.03
C THR B 161 -2.27 6.51 -14.16
N ARG B 162 -3.08 6.72 -13.13
CA ARG B 162 -4.20 7.72 -13.20
C ARG B 162 -3.63 9.13 -13.51
N LEU B 163 -2.50 9.55 -12.91
CA LEU B 163 -1.93 10.90 -13.17
C LEU B 163 -1.52 11.02 -14.64
N SER B 164 -0.90 9.97 -15.16
CA SER B 164 -0.54 9.78 -16.59
C SER B 164 -1.73 10.16 -17.48
N ARG B 165 -2.87 9.51 -17.27
CA ARG B 165 -4.10 9.72 -18.07
C ARG B 165 -4.60 11.15 -17.85
N ARG B 166 -4.72 11.57 -16.59
N ARG B 166 -4.72 11.57 -16.60
CA ARG B 166 -5.20 12.92 -16.19
CA ARG B 166 -5.23 12.92 -16.24
C ARG B 166 -4.42 14.00 -16.94
C ARG B 166 -4.41 13.99 -16.96
N VAL B 167 -3.08 13.89 -16.97
CA VAL B 167 -2.21 14.90 -17.62
C VAL B 167 -2.57 14.99 -19.10
N LEU B 168 -2.61 13.86 -19.78
CA LEU B 168 -2.84 13.79 -21.24
C LEU B 168 -4.26 14.28 -21.51
N ARG B 169 -5.23 13.77 -20.78
CA ARG B 169 -6.65 14.20 -20.92
C ARG B 169 -6.72 15.73 -20.76
N ASP B 170 -6.31 16.26 -19.62
CA ASP B 170 -6.50 17.68 -19.24
C ASP B 170 -5.73 18.63 -20.15
N ILE B 171 -4.58 18.17 -20.66
CA ILE B 171 -3.58 19.04 -21.36
C ILE B 171 -4.23 19.61 -22.61
N SER B 172 -5.15 18.84 -23.24
CA SER B 172 -5.92 19.22 -24.46
C SER B 172 -7.38 19.56 -24.10
N GLU B 173 -8.20 18.54 -23.81
CA GLU B 173 -9.66 18.64 -23.51
CA GLU B 173 -9.67 18.65 -23.55
C GLU B 173 -9.99 19.99 -22.87
N ARG B 174 -9.05 20.56 -22.11
CA ARG B 174 -9.19 21.92 -21.49
C ARG B 174 -8.21 22.90 -22.17
N GLY B 175 -6.99 22.46 -22.50
CA GLY B 175 -5.95 23.23 -23.23
C GLY B 175 -4.90 23.83 -22.32
N ARG B 176 -5.11 23.74 -20.99
CA ARG B 176 -4.44 24.54 -19.93
C ARG B 176 -2.95 24.14 -19.76
N ASP B 177 -2.23 24.84 -18.88
CA ASP B 177 -0.76 24.72 -18.69
C ASP B 177 -0.43 23.51 -17.78
N LEU B 178 0.71 22.89 -18.07
CA LEU B 178 1.23 21.63 -17.46
C LEU B 178 1.57 21.85 -15.98
N GLU B 179 2.21 22.97 -15.63
CA GLU B 179 2.60 23.27 -14.23
C GLU B 179 1.32 23.44 -13.40
N GLN B 180 0.27 23.97 -14.01
CA GLN B 180 -1.02 24.20 -13.31
C GLN B 180 -1.70 22.85 -13.07
N ILE B 181 -1.77 21.96 -14.07
CA ILE B 181 -2.39 20.60 -13.88
C ILE B 181 -1.68 19.88 -12.71
N LEU B 182 -0.36 19.97 -12.63
CA LEU B 182 0.44 19.16 -11.69
C LEU B 182 0.47 19.81 -10.32
N SER B 183 0.51 21.12 -10.27
CA SER B 183 0.40 21.88 -9.00
C SER B 183 -0.99 21.61 -8.40
N GLN B 184 -2.01 21.65 -9.23
CA GLN B 184 -3.40 21.37 -8.80
C GLN B 184 -3.46 19.92 -8.28
N TYR B 185 -2.84 18.94 -8.97
CA TYR B 185 -2.95 17.51 -8.58
C TYR B 185 -2.27 17.29 -7.21
N ILE B 186 -1.03 17.76 -7.07
CA ILE B 186 -0.23 17.60 -5.83
C ILE B 186 -0.92 18.32 -4.67
N THR B 187 -1.46 19.52 -4.90
CA THR B 187 -1.96 20.39 -3.81
C THR B 187 -3.35 19.92 -3.37
N PHE B 188 -4.21 19.55 -4.31
CA PHE B 188 -5.67 19.36 -4.05
C PHE B 188 -6.11 17.92 -4.29
N VAL B 189 -5.82 17.36 -5.46
CA VAL B 189 -6.49 16.12 -5.93
C VAL B 189 -5.94 14.93 -5.15
N LYS B 190 -4.61 14.81 -5.08
CA LYS B 190 -3.91 13.67 -4.43
C LYS B 190 -4.32 13.66 -2.95
N PRO B 191 -4.19 14.78 -2.21
CA PRO B 191 -4.57 14.79 -0.79
C PRO B 191 -6.04 14.40 -0.59
N ALA B 192 -6.92 14.83 -1.49
CA ALA B 192 -8.37 14.57 -1.35
C ALA B 192 -8.66 13.11 -1.66
N PHE B 193 -7.99 12.53 -2.66
CA PHE B 193 -8.13 11.09 -2.98
C PHE B 193 -7.66 10.24 -1.79
N GLU B 194 -6.52 10.56 -1.23
CA GLU B 194 -5.92 9.72 -0.16
C GLU B 194 -6.75 9.82 1.14
N GLU B 195 -7.25 11.00 1.47
CA GLU B 195 -7.95 11.25 2.75
C GLU B 195 -9.40 10.80 2.65
N PHE B 196 -10.08 11.05 1.51
CA PHE B 196 -11.55 10.87 1.40
C PHE B 196 -11.92 9.68 0.49
N CYS B 197 -11.32 9.50 -0.69
CA CYS B 197 -11.77 8.49 -1.67
C CYS B 197 -11.24 7.10 -1.29
N LEU B 198 -9.93 6.99 -1.05
CA LEU B 198 -9.25 5.67 -0.93
C LEU B 198 -9.81 4.91 0.26
N PRO B 199 -10.08 5.55 1.41
CA PRO B 199 -10.75 4.86 2.51
C PRO B 199 -12.15 4.31 2.16
N THR B 200 -12.79 4.71 1.05
CA THR B 200 -14.12 4.15 0.68
C THR B 200 -13.99 2.83 -0.10
N LYS B 201 -12.78 2.40 -0.44
CA LYS B 201 -12.61 1.16 -1.26
C LYS B 201 -13.12 -0.07 -0.51
N LYS B 202 -13.03 -0.08 0.82
CA LYS B 202 -13.42 -1.22 1.70
C LYS B 202 -14.93 -1.44 1.61
N TYR B 203 -15.73 -0.51 1.09
CA TYR B 203 -17.19 -0.69 0.95
C TYR B 203 -17.53 -1.29 -0.41
N ALA B 204 -16.58 -1.40 -1.35
CA ALA B 204 -16.88 -2.05 -2.65
C ALA B 204 -17.20 -3.53 -2.43
N ASP B 205 -18.15 -4.05 -3.20
CA ASP B 205 -18.43 -5.51 -3.29
C ASP B 205 -17.46 -6.11 -4.31
N VAL B 206 -17.14 -5.34 -5.34
CA VAL B 206 -16.31 -5.80 -6.47
C VAL B 206 -15.33 -4.69 -6.86
N ILE B 207 -14.07 -5.06 -7.07
CA ILE B 207 -12.99 -4.15 -7.51
C ILE B 207 -12.62 -4.54 -8.95
N ILE B 208 -12.71 -3.56 -9.85
CA ILE B 208 -12.39 -3.64 -11.29
C ILE B 208 -11.05 -2.94 -11.50
N PRO B 209 -9.97 -3.70 -11.74
CA PRO B 209 -8.67 -3.11 -11.95
C PRO B 209 -8.42 -2.44 -13.31
N ARG B 210 -7.56 -1.43 -13.36
CA ARG B 210 -7.10 -0.80 -14.64
C ARG B 210 -8.17 0.07 -15.32
N GLY B 211 -9.39 -0.45 -15.50
CA GLY B 211 -10.43 0.41 -16.07
C GLY B 211 -11.18 -0.09 -17.29
N ALA B 212 -11.23 0.71 -18.35
CA ALA B 212 -12.15 0.44 -19.49
C ALA B 212 -11.63 -0.67 -20.41
N ASP B 213 -10.31 -0.91 -20.42
CA ASP B 213 -9.65 -1.99 -21.17
C ASP B 213 -9.83 -3.35 -20.47
N ASN B 214 -10.32 -3.39 -19.24
CA ASN B 214 -10.59 -4.66 -18.54
C ASN B 214 -11.89 -5.26 -19.09
N LEU B 215 -11.81 -5.98 -20.22
CA LEU B 215 -12.99 -6.45 -21.00
C LEU B 215 -13.62 -7.65 -20.30
N VAL B 216 -12.84 -8.46 -19.59
CA VAL B 216 -13.43 -9.55 -18.76
C VAL B 216 -14.37 -8.92 -17.71
N ALA B 217 -13.89 -7.92 -16.98
CA ALA B 217 -14.66 -7.31 -15.86
C ALA B 217 -15.90 -6.62 -16.43
N ILE B 218 -15.71 -5.86 -17.49
CA ILE B 218 -16.79 -5.12 -18.19
C ILE B 218 -17.86 -6.10 -18.66
N ASN B 219 -17.48 -7.22 -19.30
CA ASN B 219 -18.46 -8.19 -19.89
C ASN B 219 -19.21 -8.89 -18.75
N LEU B 220 -18.51 -9.19 -17.66
CA LEU B 220 -19.15 -9.74 -16.43
C LEU B 220 -20.26 -8.78 -15.98
N ILE B 221 -20.05 -7.45 -15.99
CA ILE B 221 -21.07 -6.49 -15.48
C ILE B 221 -22.19 -6.36 -16.51
N VAL B 222 -21.85 -6.23 -17.79
CA VAL B 222 -22.85 -6.17 -18.89
C VAL B 222 -23.82 -7.34 -18.75
N GLN B 223 -23.29 -8.53 -18.54
CA GLN B 223 -24.09 -9.79 -18.47
C GLN B 223 -25.03 -9.72 -17.27
N HIS B 224 -24.51 -9.42 -16.08
CA HIS B 224 -25.32 -9.31 -14.83
C HIS B 224 -26.50 -8.37 -15.07
N ILE B 225 -26.28 -7.27 -15.78
CA ILE B 225 -27.35 -6.25 -16.06
C ILE B 225 -28.32 -6.84 -17.09
N GLN B 226 -27.84 -7.53 -18.12
CA GLN B 226 -28.71 -8.24 -19.11
C GLN B 226 -29.60 -9.20 -18.33
N ASP B 227 -29.03 -10.03 -17.44
CA ASP B 227 -29.78 -10.97 -16.59
C ASP B 227 -30.90 -10.21 -15.89
N ILE B 228 -30.62 -9.01 -15.38
CA ILE B 228 -31.59 -8.22 -14.57
C ILE B 228 -32.70 -7.70 -15.49
N LEU B 229 -32.38 -7.25 -16.69
CA LEU B 229 -33.38 -6.74 -17.67
C LEU B 229 -34.26 -7.89 -18.19
N ASN B 230 -33.78 -9.16 -18.19
CA ASN B 230 -34.58 -10.37 -18.52
C ASN B 230 -35.08 -11.07 -17.24
N GLY C 17 17.35 23.45 31.18
CA GLY C 17 16.28 23.21 30.15
C GLY C 17 15.69 24.51 29.58
N GLY C 18 16.56 25.38 29.06
CA GLY C 18 16.23 26.72 28.50
C GLY C 18 15.11 26.68 27.46
N GLU C 19 15.35 26.05 26.31
CA GLU C 19 14.37 25.86 25.20
C GLU C 19 14.40 24.40 24.75
N PRO C 20 13.61 23.53 25.41
CA PRO C 20 13.56 22.12 25.06
C PRO C 20 13.39 21.87 23.55
N PHE C 21 14.16 20.90 23.04
CA PHE C 21 13.99 20.25 21.72
C PHE C 21 12.95 19.11 21.87
N LEU C 22 11.75 19.31 21.33
CA LEU C 22 10.63 18.34 21.38
C LEU C 22 10.74 17.34 20.21
N ILE C 23 10.87 16.05 20.52
CA ILE C 23 10.80 14.95 19.51
C ILE C 23 9.48 14.18 19.67
N GLY C 24 8.71 14.14 18.58
CA GLY C 24 7.45 13.40 18.47
C GLY C 24 7.69 12.04 17.86
N VAL C 25 7.14 10.99 18.47
CA VAL C 25 7.24 9.59 18.00
C VAL C 25 5.85 8.97 17.89
N SER C 26 5.48 8.55 16.69
CA SER C 26 4.22 7.80 16.48
C SER C 26 4.52 6.48 15.78
N GLY C 27 3.46 5.78 15.40
CA GLY C 27 3.47 4.43 14.87
C GLY C 27 2.36 3.67 15.54
N GLY C 28 1.92 2.56 14.96
CA GLY C 28 0.80 1.77 15.48
C GLY C 28 1.16 1.11 16.78
N THR C 29 0.16 0.58 17.50
CA THR C 29 0.42 -0.30 18.66
C THR C 29 1.33 -1.46 18.20
N ALA C 30 2.23 -1.83 19.07
CA ALA C 30 3.20 -2.94 18.92
C ALA C 30 4.19 -2.64 17.79
N SER C 31 4.38 -1.37 17.42
CA SER C 31 5.28 -0.95 16.31
C SER C 31 6.72 -1.01 16.78
N GLY C 32 6.92 -0.79 18.08
CA GLY C 32 8.22 -0.61 18.72
C GLY C 32 8.41 0.77 19.32
N LYS C 33 7.42 1.66 19.26
CA LYS C 33 7.66 3.12 19.51
C LYS C 33 8.05 3.37 20.98
N SER C 34 7.50 2.61 21.94
CA SER C 34 7.86 2.72 23.39
C SER C 34 9.29 2.23 23.60
N SER C 35 9.59 1.01 23.15
CA SER C 35 10.92 0.38 23.31
C SER C 35 12.02 1.23 22.65
N VAL C 36 11.75 1.77 21.47
CA VAL C 36 12.69 2.67 20.72
C VAL C 36 13.00 3.88 21.60
N CYS C 37 11.98 4.49 22.19
CA CYS C 37 12.13 5.66 23.08
C CYS C 37 12.94 5.21 24.30
N ALA C 38 12.57 4.07 24.89
CA ALA C 38 13.18 3.50 26.10
C ALA C 38 14.64 3.18 25.79
N LYS C 39 14.94 2.61 24.61
CA LYS C 39 16.34 2.22 24.29
C LYS C 39 17.15 3.50 24.08
N ILE C 40 16.56 4.52 23.45
CA ILE C 40 17.26 5.80 23.10
C ILE C 40 17.78 6.43 24.40
N VAL C 41 16.91 6.46 25.41
CA VAL C 41 17.15 7.06 26.74
C VAL C 41 18.09 6.14 27.54
N GLN C 42 17.96 4.81 27.39
CA GLN C 42 18.85 3.80 28.05
C GLN C 42 20.28 4.02 27.54
N LEU C 43 20.49 3.95 26.23
CA LEU C 43 21.82 4.12 25.58
C LEU C 43 22.41 5.48 25.92
N LEU C 44 21.62 6.39 26.52
CA LEU C 44 22.08 7.75 26.94
C LEU C 44 22.32 7.79 28.46
N GLY C 45 22.11 6.68 29.17
CA GLY C 45 22.30 6.57 30.63
C GLY C 45 21.47 7.59 31.41
N GLN C 46 20.65 8.38 30.71
CA GLN C 46 19.58 9.23 31.29
C GLN C 46 18.55 8.35 32.00
N ASN C 47 18.70 7.02 31.85
CA ASN C 47 18.13 5.97 32.73
C ASN C 47 18.93 5.95 34.05
N GLU C 48 18.28 5.65 35.19
CA GLU C 48 18.85 5.80 36.57
C GLU C 48 19.36 7.24 36.70
N VAL C 49 18.53 8.21 36.27
CA VAL C 49 18.86 9.66 36.09
C VAL C 49 20.27 9.79 35.49
N ARG C 52 19.38 13.41 39.39
CA ARG C 52 18.10 14.13 39.56
C ARG C 52 17.90 15.17 38.43
N GLN C 53 18.91 15.34 37.56
CA GLN C 53 19.00 16.40 36.51
C GLN C 53 18.80 15.78 35.12
N LYS C 54 17.65 15.11 34.91
CA LYS C 54 17.24 14.48 33.62
C LYS C 54 17.28 15.50 32.47
N GLN C 55 18.23 15.35 31.54
CA GLN C 55 18.34 16.17 30.29
C GLN C 55 17.51 15.56 29.14
N VAL C 56 17.16 14.27 29.20
CA VAL C 56 16.23 13.62 28.24
C VAL C 56 15.13 12.89 29.02
N VAL C 57 13.86 13.25 28.78
CA VAL C 57 12.68 12.58 29.39
C VAL C 57 11.76 12.01 28.31
N ILE C 58 11.00 10.97 28.65
CA ILE C 58 9.96 10.35 27.79
C ILE C 58 8.60 10.71 28.36
N LEU C 59 7.78 11.36 27.56
CA LEU C 59 6.34 11.58 27.80
C LEU C 59 5.58 10.59 26.92
N SER C 60 4.54 9.99 27.48
CA SER C 60 3.70 8.97 26.82
C SER C 60 2.26 9.49 26.76
N GLN C 61 1.67 9.43 25.56
CA GLN C 61 0.29 9.89 25.27
C GLN C 61 -0.68 9.05 26.09
N ASP C 62 -0.25 7.85 26.52
CA ASP C 62 -1.02 6.95 27.42
C ASP C 62 -1.34 7.62 28.78
N SER C 63 -0.61 8.67 29.20
CA SER C 63 -0.81 9.35 30.50
C SER C 63 -2.01 10.30 30.42
N PHE C 64 -2.47 10.63 29.20
CA PHE C 64 -3.42 11.73 28.92
C PHE C 64 -4.77 11.21 28.45
N TYR C 65 -5.14 10.01 28.88
CA TYR C 65 -6.53 9.51 28.70
C TYR C 65 -7.51 10.44 29.43
N ARG C 66 -8.67 10.67 28.82
CA ARG C 66 -9.80 11.39 29.45
C ARG C 66 -10.28 10.62 30.71
N VAL C 67 -10.63 11.38 31.73
CA VAL C 67 -11.40 10.87 32.90
C VAL C 67 -12.77 10.51 32.35
N LEU C 68 -13.22 9.27 32.57
CA LEU C 68 -14.43 8.73 31.90
C LEU C 68 -15.70 9.14 32.67
N THR C 69 -16.82 9.27 31.97
CA THR C 69 -18.17 9.34 32.58
C THR C 69 -18.52 7.94 33.10
N SER C 70 -19.55 7.80 33.94
CA SER C 70 -20.03 6.48 34.44
C SER C 70 -20.65 5.67 33.29
N GLU C 71 -21.21 6.36 32.28
CA GLU C 71 -21.73 5.73 31.02
C GLU C 71 -20.54 5.05 30.32
N GLN C 72 -19.43 5.78 30.20
CA GLN C 72 -18.20 5.30 29.52
C GLN C 72 -17.50 4.25 30.40
N LYS C 73 -17.47 4.44 31.73
CA LYS C 73 -16.84 3.46 32.65
C LYS C 73 -17.54 2.10 32.45
N ALA C 74 -18.87 2.13 32.35
CA ALA C 74 -19.77 0.96 32.15
C ALA C 74 -19.45 0.27 30.82
N LYS C 75 -19.22 1.05 29.77
CA LYS C 75 -18.76 0.58 28.44
C LYS C 75 -17.42 -0.16 28.61
N ALA C 76 -16.43 0.44 29.28
CA ALA C 76 -15.07 -0.11 29.48
C ALA C 76 -15.07 -1.48 30.18
N LEU C 77 -16.02 -1.73 31.11
CA LEU C 77 -16.15 -3.01 31.89
C LEU C 77 -16.51 -4.16 30.94
N LYS C 78 -17.51 -3.95 30.10
CA LYS C 78 -17.70 -4.71 28.85
C LYS C 78 -16.49 -4.32 27.98
N GLY C 79 -16.24 -4.94 26.83
CA GLY C 79 -15.00 -4.63 26.08
C GLY C 79 -15.19 -3.54 25.02
N GLN C 80 -16.11 -2.59 25.25
CA GLN C 80 -16.78 -1.82 24.16
C GLN C 80 -16.51 -0.32 24.26
N PHE C 81 -15.45 0.10 24.96
CA PHE C 81 -14.94 1.50 24.93
C PHE C 81 -13.65 1.56 24.09
N ASN C 82 -13.66 2.38 23.04
CA ASN C 82 -12.53 2.41 22.07
C ASN C 82 -11.39 3.31 22.58
N PHE C 83 -10.42 2.72 23.28
CA PHE C 83 -9.24 3.44 23.82
C PHE C 83 -8.27 3.86 22.71
N ASP C 84 -8.54 3.52 21.43
CA ASP C 84 -7.63 3.84 20.29
C ASP C 84 -8.18 5.02 19.50
N HIS C 85 -9.36 5.52 19.86
CA HIS C 85 -10.01 6.68 19.20
C HIS C 85 -9.39 7.98 19.74
N PRO C 86 -9.21 9.00 18.88
CA PRO C 86 -8.84 10.34 19.34
C PRO C 86 -9.66 10.83 20.54
N ASP C 87 -10.95 10.53 20.57
CA ASP C 87 -11.87 11.04 21.62
C ASP C 87 -11.42 10.54 22.99
N ALA C 88 -10.67 9.45 23.07
CA ALA C 88 -10.30 8.80 24.34
C ALA C 88 -9.14 9.56 25.00
N PHE C 89 -8.42 10.40 24.24
CA PHE C 89 -7.26 11.19 24.75
C PHE C 89 -7.63 12.65 24.94
N ASP C 90 -7.00 13.28 25.93
CA ASP C 90 -7.24 14.69 26.32
C ASP C 90 -6.32 15.60 25.50
N ASN C 91 -6.72 15.92 24.28
CA ASN C 91 -5.86 16.71 23.35
C ASN C 91 -5.55 18.07 23.98
N GLU C 92 -6.51 18.67 24.69
CA GLU C 92 -6.37 20.03 25.29
C GLU C 92 -5.25 19.99 26.34
N LEU C 93 -5.26 18.98 27.19
CA LEU C 93 -4.22 18.83 28.24
C LEU C 93 -2.86 18.49 27.60
N ILE C 94 -2.84 17.77 26.47
CA ILE C 94 -1.57 17.40 25.79
C ILE C 94 -0.99 18.65 25.15
N LEU C 95 -1.83 19.42 24.47
CA LEU C 95 -1.41 20.69 23.83
C LEU C 95 -0.87 21.63 24.92
N LYS C 96 -1.62 21.79 26.01
CA LYS C 96 -1.25 22.70 27.11
C LYS C 96 0.10 22.24 27.69
N THR C 97 0.24 20.94 27.98
CA THR C 97 1.42 20.38 28.67
C THR C 97 2.67 20.58 27.82
N LEU C 98 2.57 20.31 26.52
CA LEU C 98 3.68 20.45 25.54
C LEU C 98 4.01 21.94 25.30
N LYS C 99 3.02 22.84 25.36
CA LYS C 99 3.28 24.31 25.24
C LYS C 99 4.16 24.77 26.42
N GLU C 100 3.75 24.44 27.64
CA GLU C 100 4.51 24.79 28.88
C GLU C 100 5.91 24.23 28.75
N ILE C 101 6.06 22.98 28.29
CA ILE C 101 7.41 22.36 28.12
C ILE C 101 8.23 23.22 27.14
N THR C 102 7.65 23.57 26.00
CA THR C 102 8.29 24.42 24.94
C THR C 102 8.76 25.73 25.59
N GLU C 103 7.99 26.28 26.53
CA GLU C 103 8.26 27.56 27.22
C GLU C 103 9.22 27.37 28.41
N GLY C 104 9.76 26.15 28.63
CA GLY C 104 10.79 25.88 29.65
C GLY C 104 10.23 25.81 31.07
N LYS C 105 8.95 25.48 31.26
CA LYS C 105 8.29 25.33 32.58
C LYS C 105 8.27 23.87 33.01
N THR C 106 8.47 23.64 34.31
CA THR C 106 8.11 22.39 35.02
C THR C 106 6.64 22.12 34.73
N VAL C 107 6.28 20.85 34.54
CA VAL C 107 4.86 20.44 34.33
C VAL C 107 4.54 19.23 35.21
N GLN C 108 3.24 19.07 35.51
CA GLN C 108 2.61 17.86 36.10
C GLN C 108 2.06 16.97 34.97
N ILE C 109 2.53 15.73 34.89
CA ILE C 109 1.90 14.65 34.07
C ILE C 109 0.88 13.92 34.93
N PRO C 110 -0.37 13.70 34.48
CA PRO C 110 -1.29 12.84 35.22
C PRO C 110 -0.71 11.42 35.37
N VAL C 111 -1.09 10.77 36.47
CA VAL C 111 -1.06 9.29 36.60
C VAL C 111 -2.51 8.83 36.47
N TYR C 112 -2.82 8.02 35.45
CA TYR C 112 -4.20 7.56 35.13
C TYR C 112 -4.40 6.21 35.83
N ASP C 113 -5.53 6.08 36.51
CA ASP C 113 -5.94 4.81 37.19
C ASP C 113 -7.07 4.21 36.35
N PHE C 114 -6.78 3.09 35.68
CA PHE C 114 -7.74 2.41 34.79
C PHE C 114 -8.86 1.77 35.61
N VAL C 115 -8.57 1.33 36.85
CA VAL C 115 -9.56 0.73 37.79
C VAL C 115 -10.72 1.73 37.96
N SER C 116 -10.43 3.04 38.13
CA SER C 116 -11.43 4.12 38.33
C SER C 116 -11.69 4.90 37.03
N HIS C 117 -10.78 4.83 36.04
CA HIS C 117 -10.85 5.55 34.73
C HIS C 117 -10.82 7.05 35.01
N SER C 118 -9.80 7.47 35.73
CA SER C 118 -9.67 8.83 36.30
C SER C 118 -8.22 8.98 36.74
N ARG C 119 -7.82 10.22 37.03
CA ARG C 119 -6.43 10.49 37.42
C ARG C 119 -6.34 10.48 38.94
N LYS C 120 -5.23 10.03 39.47
CA LYS C 120 -5.01 10.02 40.94
C LYS C 120 -4.62 11.42 41.39
N GLU C 121 -4.35 11.58 42.69
CA GLU C 121 -3.85 12.88 43.19
C GLU C 121 -2.39 12.91 42.78
N GLU C 122 -1.66 11.85 43.08
CA GLU C 122 -0.27 11.71 42.57
C GLU C 122 -0.21 12.22 41.13
N THR C 123 0.59 13.25 40.88
CA THR C 123 1.01 13.67 39.52
C THR C 123 2.52 13.49 39.45
N VAL C 124 3.07 13.27 38.27
CA VAL C 124 4.54 13.10 38.09
C VAL C 124 5.07 14.44 37.61
N THR C 125 6.14 14.90 38.25
CA THR C 125 6.75 16.24 38.07
C THR C 125 7.86 16.08 37.03
N VAL C 126 7.77 16.82 35.92
CA VAL C 126 8.83 16.77 34.87
C VAL C 126 9.41 18.19 34.78
N TYR C 127 10.69 18.30 35.13
CA TYR C 127 11.45 19.57 35.16
C TYR C 127 11.95 19.84 33.76
N PRO C 128 12.24 21.11 33.41
CA PRO C 128 12.69 21.46 32.07
C PRO C 128 13.85 20.58 31.62
N ALA C 129 13.62 19.69 30.65
CA ALA C 129 14.65 18.82 30.07
C ALA C 129 15.19 19.49 28.81
N ASP C 130 16.37 19.11 28.33
CA ASP C 130 16.96 19.66 27.06
C ASP C 130 16.30 18.97 25.86
N VAL C 131 15.94 17.69 26.00
CA VAL C 131 15.22 16.93 24.94
C VAL C 131 14.03 16.21 25.59
N VAL C 132 12.85 16.40 25.00
CA VAL C 132 11.61 15.68 25.40
C VAL C 132 11.15 14.82 24.21
N LEU C 133 11.02 13.54 24.48
CA LEU C 133 10.47 12.55 23.55
C LEU C 133 9.02 12.33 23.96
N PHE C 134 8.10 12.70 23.08
CA PHE C 134 6.66 12.45 23.24
C PHE C 134 6.25 11.33 22.29
N GLU C 135 5.72 10.25 22.85
CA GLU C 135 5.41 8.97 22.16
C GLU C 135 3.90 8.73 22.25
N GLY C 136 3.25 8.34 21.14
CA GLY C 136 1.84 7.90 21.16
C GLY C 136 1.36 7.50 19.78
N ILE C 137 0.29 6.70 19.71
CA ILE C 137 -0.36 6.28 18.43
C ILE C 137 -0.89 7.51 17.68
N LEU C 138 -1.21 8.62 18.36
CA LEU C 138 -1.89 9.80 17.73
C LEU C 138 -1.12 11.08 18.03
N ALA C 139 0.20 10.99 18.13
CA ALA C 139 1.08 12.10 18.50
C ALA C 139 1.05 13.15 17.39
N PHE C 140 0.79 12.74 16.16
CA PHE C 140 0.82 13.64 14.96
C PHE C 140 -0.60 13.95 14.48
N TYR C 141 -1.64 13.52 15.20
CA TYR C 141 -3.06 13.63 14.78
C TYR C 141 -3.53 15.10 14.75
N SER C 142 -3.17 15.88 15.78
CA SER C 142 -3.55 17.30 15.93
C SER C 142 -2.44 18.21 15.40
N GLN C 143 -2.80 19.13 14.50
CA GLN C 143 -1.86 20.09 13.87
C GLN C 143 -1.19 20.96 14.95
N GLU C 144 -1.94 21.37 15.99
CA GLU C 144 -1.40 22.30 17.02
C GLU C 144 -0.27 21.59 17.75
N VAL C 145 -0.51 20.33 18.14
CA VAL C 145 0.50 19.44 18.78
C VAL C 145 1.63 19.14 17.77
N ARG C 146 1.32 18.81 16.52
CA ARG C 146 2.40 18.35 15.58
C ARG C 146 3.37 19.52 15.27
N ASP C 147 2.92 20.78 15.33
CA ASP C 147 3.75 21.97 15.00
C ASP C 147 4.71 22.28 16.15
N LEU C 148 4.52 21.69 17.33
CA LEU C 148 5.46 21.86 18.48
C LEU C 148 6.67 20.93 18.35
N PHE C 149 6.60 19.86 17.53
CA PHE C 149 7.73 18.90 17.36
C PHE C 149 8.68 19.45 16.31
N GLN C 150 9.95 19.57 16.67
CA GLN C 150 11.02 20.02 15.75
C GLN C 150 11.53 18.82 14.96
N MET C 151 11.27 17.61 15.46
CA MET C 151 11.58 16.34 14.75
C MET C 151 10.41 15.37 15.01
N LYS C 152 9.87 14.81 13.93
CA LYS C 152 8.76 13.83 14.03
C LYS C 152 9.24 12.50 13.47
N LEU C 153 9.20 11.45 14.29
CA LEU C 153 9.63 10.08 13.91
C LEU C 153 8.38 9.19 13.84
N PHE C 154 8.25 8.35 12.82
CA PHE C 154 7.17 7.31 12.70
C PHE C 154 7.83 5.94 12.68
N VAL C 155 7.51 5.10 13.67
CA VAL C 155 7.99 3.69 13.75
C VAL C 155 7.03 2.83 12.92
N ASP C 156 7.45 2.54 11.70
CA ASP C 156 6.63 1.83 10.68
C ASP C 156 6.93 0.34 10.76
N THR C 157 5.94 -0.44 11.19
CA THR C 157 6.00 -1.91 11.25
C THR C 157 4.71 -2.45 10.63
N ASP C 158 4.84 -3.52 9.86
CA ASP C 158 3.73 -4.09 9.08
C ASP C 158 2.61 -4.50 10.05
N ALA C 159 1.36 -4.35 9.61
CA ALA C 159 0.17 -4.62 10.42
C ALA C 159 0.18 -6.09 10.86
N ASP C 160 0.59 -7.03 10.02
CA ASP C 160 0.53 -8.47 10.40
C ASP C 160 1.61 -8.71 11.47
N THR C 161 2.80 -8.16 11.31
CA THR C 161 3.88 -8.21 12.33
C THR C 161 3.33 -7.62 13.62
N ARG C 162 2.87 -6.36 13.57
CA ARG C 162 2.34 -5.67 14.78
C ARG C 162 1.25 -6.55 15.42
N LEU C 163 0.36 -7.19 14.65
CA LEU C 163 -0.75 -8.02 15.22
C LEU C 163 -0.19 -9.27 15.90
N SER C 164 0.86 -9.86 15.33
CA SER C 164 1.57 -11.02 15.93
C SER C 164 2.11 -10.62 17.31
N ARG C 165 2.82 -9.49 17.40
CA ARG C 165 3.40 -9.03 18.68
C ARG C 165 2.27 -8.73 19.67
N ARG C 166 1.23 -8.02 19.22
CA ARG C 166 0.09 -7.63 20.11
C ARG C 166 -0.53 -8.89 20.73
N VAL C 167 -0.76 -9.94 19.91
CA VAL C 167 -1.48 -11.17 20.32
C VAL C 167 -0.63 -11.89 21.36
N LEU C 168 0.68 -11.99 21.12
CA LEU C 168 1.59 -12.71 22.05
C LEU C 168 1.68 -11.95 23.38
N ARG C 169 1.80 -10.62 23.37
CA ARG C 169 1.86 -9.75 24.57
CA ARG C 169 1.88 -9.79 24.61
C ARG C 169 0.56 -9.86 25.39
N ASP C 170 -0.58 -9.76 24.71
CA ASP C 170 -1.93 -9.82 25.34
C ASP C 170 -2.19 -11.20 25.95
N ILE C 171 -1.79 -12.29 25.28
CA ILE C 171 -1.91 -13.67 25.84
C ILE C 171 -0.94 -13.80 27.01
N SER C 172 0.35 -13.56 26.80
CA SER C 172 1.46 -14.02 27.68
C SER C 172 1.74 -13.08 28.86
N GLU C 173 1.68 -11.75 28.68
CA GLU C 173 1.88 -10.77 29.78
C GLU C 173 0.54 -10.45 30.46
N ARG C 174 -0.52 -10.29 29.68
CA ARG C 174 -1.75 -9.60 30.12
C ARG C 174 -2.89 -10.59 30.39
N GLY C 175 -2.83 -11.84 29.94
CA GLY C 175 -3.76 -12.94 30.32
C GLY C 175 -5.08 -12.92 29.57
N ARG C 176 -5.09 -12.35 28.36
CA ARG C 176 -6.33 -12.11 27.61
C ARG C 176 -6.80 -13.40 26.92
N ASP C 177 -8.11 -13.50 26.65
CA ASP C 177 -8.69 -14.56 25.80
C ASP C 177 -8.34 -14.28 24.32
N LEU C 178 -7.99 -15.31 23.57
CA LEU C 178 -7.54 -15.16 22.16
C LEU C 178 -8.64 -14.54 21.28
N GLU C 179 -9.87 -15.04 21.36
CA GLU C 179 -10.98 -14.63 20.46
C GLU C 179 -11.35 -13.18 20.76
N GLN C 180 -11.30 -12.80 22.02
CA GLN C 180 -11.59 -11.41 22.46
C GLN C 180 -10.52 -10.47 21.89
N ILE C 181 -9.25 -10.87 21.92
CA ILE C 181 -8.12 -10.03 21.42
C ILE C 181 -8.41 -9.70 19.94
N LEU C 182 -8.70 -10.72 19.14
CA LEU C 182 -8.80 -10.65 17.67
C LEU C 182 -10.15 -10.05 17.25
N SER C 183 -11.21 -10.30 18.03
CA SER C 183 -12.52 -9.65 17.80
C SER C 183 -12.38 -8.14 18.01
N GLN C 184 -11.75 -7.73 19.11
CA GLN C 184 -11.47 -6.31 19.40
C GLN C 184 -10.53 -5.77 18.33
N TYR C 185 -9.58 -6.57 17.84
CA TYR C 185 -8.57 -6.08 16.87
C TYR C 185 -9.35 -5.61 15.62
N ILE C 186 -10.19 -6.48 15.09
CA ILE C 186 -10.97 -6.30 13.82
C ILE C 186 -11.97 -5.15 14.00
N THR C 187 -12.68 -5.12 15.12
CA THR C 187 -13.80 -4.16 15.36
C THR C 187 -13.27 -2.75 15.65
N PHE C 188 -12.20 -2.57 16.46
CA PHE C 188 -11.82 -1.25 17.04
C PHE C 188 -10.39 -0.84 16.67
N VAL C 189 -9.40 -1.71 16.88
CA VAL C 189 -7.96 -1.33 16.81
C VAL C 189 -7.57 -1.01 15.35
N LYS C 190 -7.84 -1.93 14.43
CA LYS C 190 -7.49 -1.85 12.99
C LYS C 190 -8.22 -0.66 12.36
N PRO C 191 -9.55 -0.54 12.49
CA PRO C 191 -10.26 0.60 11.92
C PRO C 191 -9.66 1.89 12.49
N ALA C 192 -9.35 1.93 13.78
CA ALA C 192 -8.82 3.16 14.41
C ALA C 192 -7.42 3.48 13.88
N PHE C 193 -6.58 2.48 13.64
CA PHE C 193 -5.20 2.70 13.15
C PHE C 193 -5.31 3.23 11.72
N GLU C 194 -6.19 2.65 10.90
CA GLU C 194 -6.30 3.01 9.46
C GLU C 194 -6.90 4.40 9.31
N GLU C 195 -7.88 4.77 10.12
CA GLU C 195 -8.58 6.09 10.01
C GLU C 195 -7.70 7.22 10.57
N PHE C 196 -7.14 7.06 11.78
CA PHE C 196 -6.60 8.17 12.61
C PHE C 196 -5.06 8.16 12.58
N CYS C 197 -4.38 7.01 12.74
CA CYS C 197 -2.89 6.93 12.93
C CYS C 197 -2.20 6.93 11.57
N LEU C 198 -2.49 5.95 10.73
CA LEU C 198 -1.76 5.67 9.46
C LEU C 198 -1.70 6.92 8.59
N PRO C 199 -2.77 7.74 8.43
CA PRO C 199 -2.66 8.95 7.63
C PRO C 199 -1.71 9.99 8.23
N THR C 200 -1.28 9.88 9.50
CA THR C 200 -0.35 10.90 10.07
C THR C 200 1.08 10.63 9.60
N LYS C 201 1.34 9.49 8.97
CA LYS C 201 2.72 9.04 8.69
C LYS C 201 3.38 10.04 7.74
N LYS C 202 2.61 10.67 6.86
CA LYS C 202 3.10 11.66 5.86
C LYS C 202 3.74 12.86 6.57
N TYR C 203 3.39 13.13 7.83
CA TYR C 203 3.88 14.29 8.60
C TYR C 203 5.26 13.98 9.21
N ALA C 204 5.72 12.74 9.15
CA ALA C 204 7.01 12.33 9.75
C ALA C 204 8.18 12.90 8.93
N ASP C 205 9.23 13.33 9.61
CA ASP C 205 10.52 13.73 8.98
C ASP C 205 11.33 12.46 8.71
N VAL C 206 11.27 11.48 9.59
CA VAL C 206 12.10 10.24 9.52
C VAL C 206 11.25 9.03 9.89
N ILE C 207 11.36 7.94 9.11
CA ILE C 207 10.62 6.68 9.39
C ILE C 207 11.62 5.60 9.80
N ILE C 208 11.33 4.94 10.91
CA ILE C 208 12.16 3.88 11.51
C ILE C 208 11.42 2.57 11.31
N PRO C 209 11.82 1.76 10.32
CA PRO C 209 11.22 0.44 10.13
C PRO C 209 11.52 -0.51 11.31
N ARG C 210 10.52 -1.31 11.70
CA ARG C 210 10.66 -2.60 12.44
C ARG C 210 10.55 -2.35 13.96
N GLY C 211 11.20 -1.32 14.49
CA GLY C 211 11.10 -0.96 15.91
C GLY C 211 12.44 -1.12 16.61
N ALA C 212 12.41 -1.65 17.83
CA ALA C 212 13.49 -1.58 18.84
C ALA C 212 14.78 -2.27 18.38
N ASP C 213 14.71 -3.28 17.50
CA ASP C 213 15.87 -4.02 16.95
C ASP C 213 16.60 -3.20 15.88
N ASN C 214 16.08 -2.04 15.47
CA ASN C 214 16.71 -1.21 14.43
C ASN C 214 17.81 -0.36 15.08
N LEU C 215 18.95 -0.99 15.37
CA LEU C 215 20.01 -0.41 16.22
C LEU C 215 20.71 0.70 15.45
N VAL C 216 20.78 0.56 14.12
CA VAL C 216 21.35 1.60 13.22
C VAL C 216 20.48 2.86 13.33
N ALA C 217 19.15 2.73 13.22
CA ALA C 217 18.20 3.88 13.34
C ALA C 217 18.34 4.48 14.74
N ILE C 218 18.37 3.61 15.75
CA ILE C 218 18.34 4.04 17.17
C ILE C 218 19.64 4.79 17.47
N ASN C 219 20.79 4.31 17.00
CA ASN C 219 22.09 4.97 17.31
C ASN C 219 22.13 6.34 16.63
N LEU C 220 21.51 6.48 15.47
CA LEU C 220 21.43 7.77 14.72
C LEU C 220 20.69 8.79 15.58
N ILE C 221 19.64 8.36 16.30
CA ILE C 221 18.82 9.27 17.16
C ILE C 221 19.56 9.56 18.48
N VAL C 222 20.31 8.61 19.08
CA VAL C 222 21.07 8.88 20.35
C VAL C 222 22.23 9.84 20.02
N GLN C 223 22.98 9.56 18.96
CA GLN C 223 24.13 10.40 18.56
C GLN C 223 23.58 11.84 18.38
N HIS C 224 22.43 12.00 17.75
CA HIS C 224 21.85 13.34 17.43
C HIS C 224 21.41 14.04 18.71
N ILE C 225 20.95 13.28 19.71
CA ILE C 225 20.50 13.81 21.01
C ILE C 225 21.74 14.24 21.82
N GLN C 226 22.82 13.44 21.83
CA GLN C 226 24.08 13.84 22.50
C GLN C 226 24.60 15.16 21.88
N ASP C 227 24.58 15.33 20.55
CA ASP C 227 25.14 16.52 19.85
C ASP C 227 24.50 17.82 20.35
N ILE C 228 23.20 17.83 20.68
CA ILE C 228 22.48 19.07 21.12
C ILE C 228 22.48 19.19 22.66
N LEU C 229 22.75 18.09 23.39
CA LEU C 229 23.11 18.15 24.84
C LEU C 229 24.43 18.92 25.04
N ASN C 230 25.32 18.94 24.04
CA ASN C 230 26.62 19.67 24.04
C ASN C 230 26.42 21.11 23.53
N GLU D 19 39.21 2.61 8.06
CA GLU D 19 38.22 2.10 7.05
C GLU D 19 37.19 3.21 6.76
N PRO D 20 36.91 3.57 5.48
CA PRO D 20 35.82 4.51 5.17
C PRO D 20 34.44 4.03 5.61
N PHE D 21 33.61 4.97 6.05
CA PHE D 21 32.20 4.76 6.45
C PHE D 21 31.35 4.82 5.18
N LEU D 22 30.75 3.69 4.77
CA LEU D 22 29.92 3.56 3.53
C LEU D 22 28.43 3.65 3.86
N ILE D 23 27.76 4.64 3.26
CA ILE D 23 26.29 4.86 3.32
C ILE D 23 25.69 4.56 1.96
N GLY D 24 24.81 3.57 1.87
CA GLY D 24 24.05 3.25 0.65
C GLY D 24 22.72 3.98 0.65
N VAL D 25 22.30 4.51 -0.50
CA VAL D 25 21.11 5.38 -0.63
C VAL D 25 20.32 4.92 -1.84
N SER D 26 19.09 4.44 -1.66
CA SER D 26 18.19 4.07 -2.78
C SER D 26 16.89 4.86 -2.68
N GLY D 27 15.97 4.52 -3.57
CA GLY D 27 14.73 5.28 -3.88
C GLY D 27 14.41 5.13 -5.36
N GLY D 28 13.15 5.34 -5.73
CA GLY D 28 12.74 5.33 -7.15
C GLY D 28 13.38 6.51 -7.87
N THR D 29 13.40 6.52 -9.20
CA THR D 29 13.79 7.72 -9.98
C THR D 29 12.89 8.88 -9.53
N ALA D 30 13.50 10.04 -9.34
CA ALA D 30 12.87 11.33 -8.98
C ALA D 30 12.39 11.31 -7.54
N SER D 31 12.78 10.32 -6.74
CA SER D 31 12.55 10.29 -5.28
C SER D 31 13.22 11.49 -4.63
N GLY D 32 14.38 11.93 -5.13
CA GLY D 32 15.23 12.95 -4.49
C GLY D 32 16.50 12.38 -3.87
N LYS D 33 16.86 11.12 -4.14
CA LYS D 33 18.10 10.52 -3.59
C LYS D 33 19.34 11.30 -4.03
N SER D 34 19.44 11.69 -5.30
CA SER D 34 20.58 12.49 -5.82
C SER D 34 20.70 13.80 -5.03
N SER D 35 19.67 14.64 -5.08
CA SER D 35 19.64 15.96 -4.39
C SER D 35 19.79 15.81 -2.87
N VAL D 36 19.31 14.72 -2.26
CA VAL D 36 19.54 14.48 -0.80
C VAL D 36 21.06 14.34 -0.61
N CYS D 37 21.71 13.48 -1.38
CA CYS D 37 23.19 13.33 -1.31
C CYS D 37 23.84 14.72 -1.53
N ALA D 38 23.57 15.39 -2.67
CA ALA D 38 24.13 16.71 -3.04
C ALA D 38 23.95 17.71 -1.88
N LYS D 39 22.78 17.76 -1.25
CA LYS D 39 22.51 18.73 -0.14
C LYS D 39 23.29 18.32 1.12
N ILE D 40 23.50 17.04 1.35
CA ILE D 40 24.25 16.58 2.56
C ILE D 40 25.71 17.05 2.43
N VAL D 41 26.30 16.82 1.27
CA VAL D 41 27.71 17.23 0.96
C VAL D 41 27.85 18.74 1.15
N GLN D 42 26.96 19.52 0.54
CA GLN D 42 27.10 20.99 0.50
C GLN D 42 26.94 21.53 1.94
N LEU D 43 26.00 21.02 2.72
CA LEU D 43 25.77 21.49 4.12
C LEU D 43 26.97 21.14 5.01
N LEU D 44 27.77 20.14 4.64
CA LEU D 44 29.00 19.73 5.38
C LEU D 44 30.16 20.69 5.08
N GLY D 45 30.03 21.52 4.04
CA GLY D 45 31.07 22.47 3.58
C GLY D 45 32.01 21.84 2.56
N GLN D 46 31.68 20.65 2.09
CA GLN D 46 32.59 19.77 1.31
C GLN D 46 32.71 20.23 -0.15
N ASN D 47 31.97 21.26 -0.55
CA ASN D 47 32.15 21.95 -1.86
C ASN D 47 33.25 23.02 -1.72
N GLU D 48 33.52 23.52 -0.52
CA GLU D 48 34.62 24.49 -0.25
C GLU D 48 35.89 23.72 0.15
N VAL D 49 35.83 22.39 0.29
CA VAL D 49 37.03 21.52 0.50
C VAL D 49 37.57 21.11 -0.87
N ASP D 50 38.89 20.98 -0.96
CA ASP D 50 39.64 20.73 -2.22
C ASP D 50 39.44 19.27 -2.64
N TYR D 51 39.53 19.04 -3.94
CA TYR D 51 39.23 17.77 -4.65
C TYR D 51 40.00 16.59 -4.01
N ARG D 52 41.28 16.75 -3.72
CA ARG D 52 42.16 15.65 -3.20
C ARG D 52 41.90 15.45 -1.69
N GLN D 53 41.28 16.42 -1.01
CA GLN D 53 41.09 16.44 0.48
C GLN D 53 39.63 16.14 0.88
N LYS D 54 38.74 15.81 -0.08
CA LYS D 54 37.29 15.56 0.16
C LYS D 54 37.16 14.50 1.25
N GLN D 55 36.55 14.86 2.37
CA GLN D 55 36.29 13.89 3.47
C GLN D 55 35.01 13.10 3.16
N VAL D 56 34.12 13.63 2.30
CA VAL D 56 32.82 12.99 1.94
C VAL D 56 32.60 13.11 0.43
N VAL D 57 32.45 11.97 -0.27
CA VAL D 57 32.19 11.89 -1.74
C VAL D 57 30.91 11.08 -2.02
N ILE D 58 30.39 11.27 -3.25
CA ILE D 58 29.15 10.64 -3.79
C ILE D 58 29.52 9.77 -5.00
N LEU D 59 29.21 8.47 -4.94
CA LEU D 59 29.24 7.58 -6.13
C LEU D 59 27.80 7.32 -6.56
N SER D 60 27.58 7.26 -7.87
CA SER D 60 26.27 6.94 -8.51
C SER D 60 26.36 5.57 -9.18
N GLN D 61 25.39 4.71 -8.88
CA GLN D 61 25.21 3.38 -9.50
C GLN D 61 25.23 3.56 -11.02
N ASP D 62 24.81 4.74 -11.50
CA ASP D 62 24.72 5.16 -12.93
C ASP D 62 26.06 5.05 -13.68
N SER D 63 27.14 5.53 -13.08
CA SER D 63 28.54 5.36 -13.57
C SER D 63 28.87 3.90 -13.95
N PHE D 64 28.11 2.92 -13.45
CA PHE D 64 28.44 1.48 -13.56
C PHE D 64 27.41 0.74 -14.42
N TYR D 65 26.79 1.38 -15.42
CA TYR D 65 26.02 0.64 -16.45
C TYR D 65 26.98 -0.34 -17.12
N ARG D 66 26.50 -1.54 -17.40
CA ARG D 66 27.21 -2.55 -18.21
C ARG D 66 27.55 -1.93 -19.55
N VAL D 67 28.68 -2.37 -20.12
CA VAL D 67 28.98 -2.28 -21.58
C VAL D 67 28.07 -3.30 -22.25
N LEU D 68 27.17 -2.84 -23.09
CA LEU D 68 26.12 -3.73 -23.64
C LEU D 68 26.64 -4.71 -24.68
N THR D 69 25.96 -5.84 -24.80
CA THR D 69 26.28 -6.83 -25.83
C THR D 69 25.82 -6.25 -27.17
N SER D 70 25.92 -7.04 -28.24
CA SER D 70 25.39 -6.58 -29.54
C SER D 70 23.87 -6.62 -29.51
N GLU D 71 23.31 -7.70 -28.95
CA GLU D 71 21.82 -7.81 -28.88
C GLU D 71 21.23 -6.72 -27.96
N GLN D 72 21.95 -6.30 -26.92
CA GLN D 72 21.49 -5.27 -25.94
C GLN D 72 21.56 -3.87 -26.60
N LYS D 73 22.66 -3.57 -27.30
CA LYS D 73 22.87 -2.35 -28.14
C LYS D 73 21.66 -2.15 -29.06
N ALA D 74 21.29 -3.21 -29.77
CA ALA D 74 20.19 -3.25 -30.76
C ALA D 74 18.89 -2.83 -30.09
N LYS D 75 18.51 -3.53 -29.01
CA LYS D 75 17.33 -3.25 -28.17
C LYS D 75 17.39 -1.79 -27.73
N ALA D 76 18.54 -1.33 -27.23
CA ALA D 76 18.71 0.06 -26.75
C ALA D 76 18.36 1.04 -27.87
N LEU D 77 18.92 0.84 -29.08
CA LEU D 77 18.73 1.79 -30.22
C LEU D 77 17.25 1.85 -30.64
N LYS D 78 16.48 0.78 -30.47
CA LYS D 78 15.02 0.77 -30.75
C LYS D 78 14.20 1.24 -29.51
N GLY D 79 14.86 1.68 -28.44
CA GLY D 79 14.18 2.11 -27.19
C GLY D 79 13.48 0.96 -26.47
N GLN D 80 14.06 -0.24 -26.50
CA GLN D 80 13.47 -1.50 -25.96
C GLN D 80 14.34 -2.08 -24.83
N PHE D 81 15.50 -1.51 -24.53
CA PHE D 81 16.37 -1.95 -23.40
C PHE D 81 15.99 -1.18 -22.14
N ASN D 82 15.63 -1.91 -21.09
CA ASN D 82 15.25 -1.29 -19.80
C ASN D 82 16.50 -1.02 -18.97
N PHE D 83 17.01 0.22 -19.00
CA PHE D 83 18.15 0.70 -18.17
C PHE D 83 17.81 0.75 -16.67
N ASP D 84 16.60 0.38 -16.27
CA ASP D 84 16.20 0.34 -14.84
C ASP D 84 16.12 -1.13 -14.39
N HIS D 85 16.40 -2.08 -15.28
CA HIS D 85 16.51 -3.53 -14.96
C HIS D 85 17.88 -3.82 -14.32
N PRO D 86 17.98 -4.78 -13.37
CA PRO D 86 19.25 -5.15 -12.76
C PRO D 86 20.32 -5.55 -13.79
N ASP D 87 19.90 -6.22 -14.87
CA ASP D 87 20.75 -6.60 -16.04
C ASP D 87 21.55 -5.40 -16.55
N ALA D 88 21.06 -4.17 -16.45
CA ALA D 88 21.75 -2.99 -17.03
C ALA D 88 22.99 -2.62 -16.20
N PHE D 89 23.09 -3.06 -14.94
CA PHE D 89 24.10 -2.56 -13.95
C PHE D 89 25.22 -3.61 -13.77
N ASP D 90 26.46 -3.11 -13.71
CA ASP D 90 27.68 -3.95 -13.60
C ASP D 90 27.96 -4.23 -12.13
N ASN D 91 27.28 -5.23 -11.59
CA ASN D 91 27.28 -5.53 -10.14
C ASN D 91 28.71 -5.92 -9.74
N GLU D 92 29.39 -6.73 -10.56
CA GLU D 92 30.79 -7.21 -10.32
C GLU D 92 31.71 -5.99 -10.15
N LEU D 93 31.66 -5.02 -11.07
CA LEU D 93 32.52 -3.79 -11.02
C LEU D 93 32.12 -2.95 -9.81
N ILE D 94 30.81 -2.84 -9.53
CA ILE D 94 30.27 -2.11 -8.34
C ILE D 94 30.89 -2.75 -7.10
N LEU D 95 30.74 -4.07 -6.95
CA LEU D 95 31.31 -4.88 -5.83
C LEU D 95 32.81 -4.60 -5.69
N LYS D 96 33.55 -4.69 -6.80
CA LYS D 96 35.03 -4.58 -6.77
C LYS D 96 35.40 -3.19 -6.25
N THR D 97 34.74 -2.16 -6.77
CA THR D 97 35.12 -0.74 -6.53
C THR D 97 34.82 -0.36 -5.08
N LEU D 98 33.71 -0.87 -4.53
CA LEU D 98 33.33 -0.63 -3.12
C LEU D 98 34.28 -1.41 -2.20
N LYS D 99 34.67 -2.64 -2.57
CA LYS D 99 35.60 -3.44 -1.71
C LYS D 99 36.92 -2.66 -1.60
N GLU D 100 37.47 -2.21 -2.72
CA GLU D 100 38.74 -1.43 -2.75
C GLU D 100 38.62 -0.17 -1.87
N ILE D 101 37.47 0.53 -1.93
CA ILE D 101 37.24 1.78 -1.14
C ILE D 101 37.24 1.43 0.35
N THR D 102 36.74 0.25 0.74
CA THR D 102 36.76 -0.22 2.16
C THR D 102 38.21 -0.54 2.57
N GLU D 103 39.08 -0.95 1.64
CA GLU D 103 40.52 -1.20 1.87
C GLU D 103 41.29 0.13 1.92
N GLY D 104 40.64 1.26 1.66
CA GLY D 104 41.25 2.60 1.75
C GLY D 104 42.03 2.96 0.48
N LYS D 105 41.77 2.27 -0.63
CA LYS D 105 42.43 2.51 -1.94
C LYS D 105 41.87 3.79 -2.58
N THR D 106 42.71 4.46 -3.38
CA THR D 106 42.29 5.38 -4.47
C THR D 106 41.73 4.52 -5.60
N VAL D 107 40.57 4.88 -6.17
CA VAL D 107 39.90 4.07 -7.23
C VAL D 107 39.57 4.95 -8.44
N GLN D 108 39.36 4.29 -9.58
CA GLN D 108 38.92 4.93 -10.84
C GLN D 108 37.44 4.57 -11.08
N ILE D 109 36.61 5.57 -11.43
CA ILE D 109 35.15 5.43 -11.75
C ILE D 109 34.96 5.60 -13.25
N PRO D 110 34.26 4.68 -13.96
CA PRO D 110 34.04 4.82 -15.39
C PRO D 110 33.18 6.05 -15.69
N VAL D 111 33.34 6.61 -16.89
CA VAL D 111 32.41 7.59 -17.53
C VAL D 111 31.73 6.86 -18.69
N TYR D 112 30.39 6.75 -18.64
CA TYR D 112 29.59 5.96 -19.63
C TYR D 112 29.22 6.89 -20.78
N ASP D 113 29.13 6.30 -21.98
CA ASP D 113 28.77 6.94 -23.27
C ASP D 113 27.60 6.16 -23.87
N PHE D 114 26.48 6.84 -24.10
CA PHE D 114 25.17 6.27 -24.53
C PHE D 114 25.09 6.19 -26.06
N VAL D 115 25.99 6.87 -26.78
CA VAL D 115 26.12 6.69 -28.25
C VAL D 115 26.60 5.25 -28.48
N SER D 116 27.72 4.88 -27.86
CA SER D 116 28.46 3.61 -28.10
C SER D 116 27.94 2.49 -27.19
N HIS D 117 27.27 2.87 -26.09
CA HIS D 117 26.80 1.94 -25.02
C HIS D 117 28.01 1.19 -24.42
N SER D 118 29.00 1.97 -23.96
CA SER D 118 30.37 1.53 -23.57
C SER D 118 31.02 2.61 -22.70
N ARG D 119 32.22 2.37 -22.19
CA ARG D 119 32.92 3.30 -21.26
C ARG D 119 33.92 4.13 -22.08
N LYS D 120 33.97 5.45 -21.85
CA LYS D 120 34.99 6.35 -22.45
C LYS D 120 36.36 5.94 -21.90
N GLU D 121 37.44 6.41 -22.54
CA GLU D 121 38.82 6.16 -22.06
C GLU D 121 38.96 6.88 -20.70
N GLU D 122 38.53 8.14 -20.67
CA GLU D 122 38.33 8.99 -19.46
C GLU D 122 37.69 8.16 -18.34
N THR D 123 38.44 7.95 -17.25
CA THR D 123 37.92 7.46 -15.94
C THR D 123 38.03 8.64 -14.96
N VAL D 124 37.36 8.56 -13.80
CA VAL D 124 37.38 9.64 -12.78
C VAL D 124 37.98 9.09 -11.49
N THR D 125 38.90 9.84 -10.90
CA THR D 125 39.71 9.42 -9.72
C THR D 125 39.00 9.89 -8.44
N VAL D 126 38.88 8.98 -7.47
CA VAL D 126 38.30 9.26 -6.13
C VAL D 126 39.33 8.79 -5.11
N TYR D 127 39.85 9.72 -4.32
CA TYR D 127 40.83 9.47 -3.24
C TYR D 127 40.08 8.96 -2.01
N PRO D 128 40.78 8.27 -1.06
CA PRO D 128 40.15 7.77 0.15
C PRO D 128 39.41 8.92 0.88
N ALA D 129 38.11 8.77 1.04
CA ALA D 129 37.25 9.64 1.86
C ALA D 129 37.05 8.97 3.22
N ASP D 130 36.62 9.74 4.22
CA ASP D 130 36.18 9.19 5.52
C ASP D 130 34.79 8.56 5.33
N VAL D 131 33.96 9.16 4.47
CA VAL D 131 32.53 8.80 4.25
C VAL D 131 32.27 8.76 2.74
N VAL D 132 31.72 7.64 2.27
CA VAL D 132 31.22 7.45 0.88
C VAL D 132 29.71 7.21 0.89
N LEU D 133 28.97 8.07 0.17
CA LEU D 133 27.54 7.95 -0.18
C LEU D 133 27.44 7.27 -1.55
N PHE D 134 26.89 6.05 -1.61
CA PHE D 134 26.56 5.34 -2.86
C PHE D 134 25.04 5.36 -3.10
N GLU D 135 24.62 5.77 -4.29
CA GLU D 135 23.26 6.26 -4.57
C GLU D 135 22.80 5.64 -5.87
N GLY D 136 21.65 4.98 -5.87
CA GLY D 136 21.12 4.30 -7.07
C GLY D 136 19.80 3.61 -6.79
N ILE D 137 19.01 3.45 -7.85
CA ILE D 137 17.69 2.75 -7.84
C ILE D 137 17.86 1.33 -7.33
N LEU D 138 19.02 0.70 -7.55
CA LEU D 138 19.21 -0.72 -7.17
C LEU D 138 20.43 -0.90 -6.26
N ALA D 139 20.75 0.12 -5.47
CA ALA D 139 21.93 0.07 -4.56
C ALA D 139 21.78 -1.11 -3.58
N PHE D 140 20.56 -1.48 -3.18
CA PHE D 140 20.34 -2.59 -2.22
C PHE D 140 19.86 -3.87 -2.90
N TYR D 141 19.81 -3.92 -4.25
CA TYR D 141 19.40 -5.13 -5.02
C TYR D 141 20.27 -6.36 -4.73
N SER D 142 21.59 -6.20 -4.56
CA SER D 142 22.55 -7.34 -4.45
C SER D 142 23.07 -7.50 -3.02
N GLN D 143 22.88 -8.69 -2.43
CA GLN D 143 23.28 -9.04 -1.04
C GLN D 143 24.72 -8.57 -0.74
N GLU D 144 25.66 -8.86 -1.63
CA GLU D 144 27.11 -8.69 -1.34
C GLU D 144 27.44 -7.20 -1.26
N VAL D 145 26.81 -6.40 -2.12
CA VAL D 145 26.94 -4.91 -2.16
C VAL D 145 26.25 -4.31 -0.93
N ARG D 146 25.03 -4.76 -0.63
CA ARG D 146 24.25 -4.15 0.47
C ARG D 146 24.96 -4.47 1.81
N ASP D 147 25.66 -5.59 1.89
CA ASP D 147 26.38 -6.01 3.14
C ASP D 147 27.61 -5.11 3.37
N LEU D 148 28.07 -4.34 2.37
CA LEU D 148 29.17 -3.35 2.51
C LEU D 148 28.72 -2.04 3.15
N PHE D 149 27.41 -1.75 3.26
CA PHE D 149 26.94 -0.45 3.81
C PHE D 149 26.79 -0.57 5.35
N GLN D 150 27.36 0.39 6.08
CA GLN D 150 27.20 0.54 7.55
C GLN D 150 25.80 1.09 7.85
N MET D 151 25.20 1.73 6.85
CA MET D 151 23.92 2.46 6.96
C MET D 151 23.25 2.48 5.58
N LYS D 152 21.97 2.09 5.55
CA LYS D 152 21.12 2.04 4.33
C LYS D 152 19.96 3.03 4.50
N LEU D 153 19.96 4.10 3.70
CA LEU D 153 18.89 5.13 3.64
C LEU D 153 18.02 4.83 2.42
N PHE D 154 16.69 4.76 2.56
CA PHE D 154 15.78 4.68 1.40
C PHE D 154 14.95 5.96 1.37
N VAL D 155 15.03 6.67 0.24
CA VAL D 155 14.29 7.94 -0.01
C VAL D 155 12.97 7.54 -0.63
N ASP D 156 11.92 7.65 0.16
CA ASP D 156 10.57 7.13 -0.13
C ASP D 156 9.69 8.31 -0.51
N THR D 157 9.33 8.39 -1.78
CA THR D 157 8.50 9.46 -2.37
C THR D 157 7.47 8.75 -3.23
N ASP D 158 6.20 9.11 -3.01
CA ASP D 158 5.02 8.49 -3.66
C ASP D 158 5.23 8.54 -5.19
N ALA D 159 4.84 7.47 -5.87
CA ALA D 159 5.03 7.27 -7.32
C ALA D 159 4.35 8.40 -8.12
N ASP D 160 3.20 8.89 -7.65
CA ASP D 160 2.49 10.00 -8.36
C ASP D 160 3.34 11.26 -8.19
N THR D 161 3.85 11.53 -6.99
CA THR D 161 4.75 12.68 -6.71
C THR D 161 5.96 12.57 -7.63
N ARG D 162 6.63 11.42 -7.62
CA ARG D 162 7.87 11.21 -8.37
C ARG D 162 7.58 11.41 -9.86
N LEU D 163 6.40 11.01 -10.33
CA LEU D 163 6.09 11.07 -11.79
C LEU D 163 5.92 12.55 -12.17
N SER D 164 5.22 13.30 -11.34
CA SER D 164 5.08 14.78 -11.44
C SER D 164 6.45 15.42 -11.68
N ARG D 165 7.41 15.11 -10.80
CA ARG D 165 8.80 15.60 -10.86
C ARG D 165 9.46 15.16 -12.17
N ARG D 166 9.30 13.91 -12.53
CA ARG D 166 9.95 13.34 -13.74
C ARG D 166 9.47 14.11 -14.97
N VAL D 167 8.15 14.30 -15.11
CA VAL D 167 7.55 14.96 -16.31
C VAL D 167 8.11 16.38 -16.44
N LEU D 168 8.20 17.14 -15.34
CA LEU D 168 8.68 18.55 -15.36
C LEU D 168 10.17 18.57 -15.65
N ARG D 169 10.93 17.70 -15.00
CA ARG D 169 12.39 17.53 -15.21
C ARG D 169 12.67 17.21 -16.69
N ASP D 170 11.95 16.27 -17.30
CA ASP D 170 12.27 15.72 -18.66
C ASP D 170 11.81 16.67 -19.78
N ILE D 171 10.86 17.55 -19.53
CA ILE D 171 10.49 18.53 -20.58
C ILE D 171 11.55 19.62 -20.56
N SER D 172 11.90 20.11 -19.37
CA SER D 172 12.89 21.21 -19.22
C SER D 172 14.29 20.75 -19.64
N GLU D 173 14.89 19.84 -18.88
CA GLU D 173 16.27 19.38 -19.19
C GLU D 173 16.28 18.75 -20.58
N ARG D 174 15.79 17.52 -20.70
CA ARG D 174 15.80 16.84 -22.01
C ARG D 174 14.84 17.59 -22.95
N GLY D 175 14.78 17.19 -24.21
CA GLY D 175 13.94 17.88 -25.21
C GLY D 175 12.68 17.10 -25.52
N ARG D 176 12.11 16.42 -24.53
CA ARG D 176 11.15 15.29 -24.73
C ARG D 176 9.71 15.78 -24.58
N ASP D 177 8.78 15.11 -25.23
CA ASP D 177 7.32 15.44 -25.12
C ASP D 177 6.65 14.45 -24.14
N LEU D 178 5.48 14.83 -23.61
CA LEU D 178 4.65 14.04 -22.66
C LEU D 178 4.47 12.61 -23.15
N GLU D 179 4.08 12.38 -24.41
CA GLU D 179 3.72 11.03 -24.93
C GLU D 179 4.92 10.08 -24.78
N GLN D 180 6.14 10.61 -24.94
CA GLN D 180 7.39 9.78 -24.90
C GLN D 180 7.71 9.48 -23.44
N ILE D 181 7.68 10.48 -22.56
CA ILE D 181 7.95 10.38 -21.09
C ILE D 181 6.98 9.38 -20.44
N LEU D 182 5.68 9.49 -20.73
CA LEU D 182 4.63 8.67 -20.09
C LEU D 182 4.62 7.27 -20.70
N SER D 183 4.79 7.11 -22.01
CA SER D 183 4.93 5.77 -22.64
C SER D 183 6.11 5.01 -22.01
N GLN D 184 7.25 5.68 -21.84
CA GLN D 184 8.48 5.08 -21.26
C GLN D 184 8.17 4.72 -19.79
N TYR D 185 7.56 5.65 -19.05
CA TYR D 185 7.30 5.47 -17.60
C TYR D 185 6.42 4.23 -17.42
N ILE D 186 5.30 4.15 -18.15
CA ILE D 186 4.29 3.08 -17.96
C ILE D 186 4.88 1.74 -18.39
N THR D 187 5.69 1.72 -19.45
CA THR D 187 6.12 0.48 -20.14
C THR D 187 7.35 -0.09 -19.44
N PHE D 188 8.24 0.78 -18.95
CA PHE D 188 9.58 0.43 -18.46
C PHE D 188 9.81 0.86 -17.00
N VAL D 189 9.69 2.15 -16.67
CA VAL D 189 10.20 2.67 -15.38
C VAL D 189 9.38 2.05 -14.24
N LYS D 190 8.05 2.08 -14.38
CA LYS D 190 7.08 1.69 -13.33
C LYS D 190 7.23 0.20 -13.00
N PRO D 191 7.06 -0.72 -13.97
CA PRO D 191 7.18 -2.16 -13.66
C PRO D 191 8.56 -2.55 -13.10
N ALA D 192 9.62 -1.92 -13.58
CA ALA D 192 10.99 -2.23 -13.10
C ALA D 192 11.13 -1.75 -11.66
N PHE D 193 10.52 -0.61 -11.35
CA PHE D 193 10.53 0.01 -10.01
C PHE D 193 9.78 -0.90 -9.03
N GLU D 194 8.62 -1.38 -9.46
CA GLU D 194 7.74 -2.22 -8.61
C GLU D 194 8.37 -3.61 -8.44
N GLU D 195 9.02 -4.13 -9.47
CA GLU D 195 9.53 -5.53 -9.45
C GLU D 195 10.86 -5.60 -8.70
N PHE D 196 11.73 -4.60 -8.86
CA PHE D 196 13.17 -4.69 -8.52
C PHE D 196 13.56 -3.69 -7.41
N CYS D 197 13.16 -2.42 -7.52
CA CYS D 197 13.49 -1.35 -6.54
C CYS D 197 12.64 -1.48 -5.27
N LEU D 198 11.31 -1.53 -5.38
CA LEU D 198 10.38 -1.37 -4.22
C LEU D 198 10.66 -2.45 -3.18
N PRO D 199 10.81 -3.72 -3.59
CA PRO D 199 11.07 -4.79 -2.62
C PRO D 199 12.36 -4.59 -1.80
N THR D 200 13.30 -3.74 -2.24
CA THR D 200 14.60 -3.54 -1.54
C THR D 200 14.40 -2.57 -0.37
N LYS D 201 13.27 -1.87 -0.32
CA LYS D 201 12.99 -0.90 0.74
C LYS D 201 13.12 -1.58 2.10
N LYS D 202 12.73 -2.84 2.22
CA LYS D 202 12.76 -3.55 3.53
C LYS D 202 14.20 -3.62 4.07
N TYR D 203 15.25 -3.38 3.27
CA TYR D 203 16.66 -3.42 3.73
C TYR D 203 17.13 -2.09 4.30
N ALA D 204 16.39 -0.99 4.14
CA ALA D 204 16.75 0.34 4.66
C ALA D 204 16.82 0.28 6.18
N ASP D 205 17.75 0.99 6.81
CA ASP D 205 17.78 1.19 8.28
C ASP D 205 16.93 2.42 8.59
N VAL D 206 16.84 3.36 7.64
CA VAL D 206 16.16 4.67 7.85
C VAL D 206 15.50 5.08 6.53
N ILE D 207 14.22 5.43 6.61
CA ILE D 207 13.45 5.84 5.41
C ILE D 207 13.30 7.35 5.50
N ILE D 208 13.62 8.05 4.41
CA ILE D 208 13.58 9.52 4.29
C ILE D 208 12.46 9.84 3.32
N PRO D 209 11.30 10.28 3.84
CA PRO D 209 10.19 10.68 2.98
C PRO D 209 10.55 11.92 2.16
N ARG D 210 10.04 11.99 0.92
CA ARG D 210 9.76 13.23 0.14
C ARG D 210 11.01 13.67 -0.65
N GLY D 211 12.18 13.62 -0.02
CA GLY D 211 13.45 13.99 -0.67
C GLY D 211 14.08 15.20 -0.02
N ALA D 212 14.62 16.11 -0.83
CA ALA D 212 15.66 17.09 -0.41
C ALA D 212 15.05 18.30 0.28
N ASP D 213 13.72 18.48 0.19
CA ASP D 213 12.98 19.46 1.02
C ASP D 213 12.83 18.94 2.46
N ASN D 214 13.19 17.68 2.74
CA ASN D 214 13.14 17.14 4.12
C ASN D 214 14.43 17.56 4.86
N LEU D 215 14.53 18.82 5.22
CA LEU D 215 15.73 19.39 5.91
C LEU D 215 15.94 18.73 7.27
N VAL D 216 14.87 18.35 7.99
CA VAL D 216 15.03 17.66 9.31
C VAL D 216 15.81 16.35 9.09
N ALA D 217 15.48 15.58 8.04
CA ALA D 217 16.13 14.28 7.76
C ALA D 217 17.57 14.57 7.33
N ILE D 218 17.73 15.52 6.41
CA ILE D 218 19.07 15.88 5.85
C ILE D 218 20.02 16.38 6.96
N ASN D 219 19.56 17.28 7.83
CA ASN D 219 20.38 17.82 8.95
C ASN D 219 20.77 16.68 9.89
N LEU D 220 19.95 15.63 9.95
CA LEU D 220 20.17 14.47 10.85
C LEU D 220 21.37 13.67 10.34
N ILE D 221 21.45 13.46 9.03
CA ILE D 221 22.49 12.62 8.38
C ILE D 221 23.78 13.46 8.41
N VAL D 222 23.67 14.75 8.06
CA VAL D 222 24.77 15.76 8.15
C VAL D 222 25.41 15.65 9.54
N GLN D 223 24.64 15.83 10.60
CA GLN D 223 25.17 15.84 11.99
C GLN D 223 25.87 14.51 12.28
N HIS D 224 25.25 13.40 11.88
CA HIS D 224 25.86 12.05 12.04
C HIS D 224 27.21 12.01 11.32
N ILE D 225 27.26 12.49 10.07
CA ILE D 225 28.51 12.44 9.27
C ILE D 225 29.58 13.31 9.95
N GLN D 226 29.28 14.56 10.31
CA GLN D 226 30.17 15.44 11.12
C GLN D 226 30.75 14.68 12.32
N ASP D 227 29.97 13.85 13.02
CA ASP D 227 30.46 13.13 14.24
C ASP D 227 31.49 12.07 13.83
N ILE D 228 31.33 11.45 12.66
CA ILE D 228 32.33 10.52 12.05
C ILE D 228 33.63 11.29 11.76
N LEU D 229 33.52 12.52 11.21
CA LEU D 229 34.70 13.33 10.79
C LEU D 229 35.47 13.91 11.98
N ASN D 230 35.18 13.51 13.23
CA ASN D 230 35.65 14.21 14.46
C ASN D 230 36.20 13.19 15.48
C1 PGE E . 7.53 -24.52 8.01
O1 PGE E . 6.95 -25.26 9.09
C2 PGE E . 6.73 -24.65 6.73
O2 PGE E . 6.39 -23.37 6.21
C3 PGE E . 5.42 -23.37 5.17
C4 PGE E . 4.12 -24.03 5.60
O4 PGE E . 1.86 -26.53 4.57
C6 PGE E . 1.47 -25.23 5.00
C5 PGE E . 2.16 -24.15 4.22
O3 PGE E . 2.99 -23.35 5.06
C1 PGE F . 17.58 -29.85 -8.60
O1 PGE F . 18.80 -29.47 -8.01
C2 PGE F . 16.92 -31.00 -7.92
O2 PGE F . 15.59 -30.68 -7.54
C3 PGE F . 14.63 -31.04 -8.51
C4 PGE F . 13.25 -30.57 -8.11
O4 PGE F . 13.10 -26.30 -7.57
C6 PGE F . 12.82 -27.44 -6.79
C5 PGE F . 12.15 -28.53 -7.57
O3 PGE F . 13.09 -29.19 -8.42
C1 GOL G . -7.51 -20.95 2.26
O1 GOL G . -6.10 -20.79 2.38
C2 GOL G . -8.20 -19.62 2.44
O2 GOL G . -8.56 -19.12 1.17
C3 GOL G . -9.42 -19.66 3.35
O3 GOL G . -10.49 -20.41 2.79
O1 PG4 H . -14.05 23.04 -11.49
C1 PG4 H . -14.36 21.69 -11.24
C2 PG4 H . -13.54 20.74 -12.07
O2 PG4 H . -12.99 19.71 -11.24
C3 PG4 H . -11.86 20.16 -10.50
C4 PG4 H . -11.09 18.98 -9.95
O3 PG4 H . -10.56 19.29 -8.66
C5 PG4 H . -9.73 20.44 -8.64
C6 PG4 H . -9.52 20.92 -7.24
O4 PG4 H . -9.38 22.33 -7.22
C7 PG4 H . -8.27 22.81 -7.96
C8 PG4 H . -8.34 24.30 -8.12
O5 PG4 H . -7.29 24.81 -8.92
C1 PEG I . -12.26 8.11 -16.50
O1 PEG I . -13.01 7.45 -17.54
C2 PEG I . -12.98 8.21 -15.19
O2 PEG I . -12.32 9.13 -14.35
C3 PEG I . -12.66 10.49 -14.61
C4 PEG I . -13.52 11.04 -13.54
O4 PEG I . -12.79 11.86 -12.64
C1 GOL J . -8.22 3.23 -19.92
O1 GOL J . -7.42 3.77 -20.97
C2 GOL J . -9.42 4.09 -19.58
O2 GOL J . -10.28 3.39 -18.67
C3 GOL J . -9.06 5.45 -19.02
O3 GOL J . -10.04 6.43 -19.33
C1 AQX K . -2.09 -3.62 4.98
C1 AQX K . -2.28 -4.94 4.08
N1 AQX K . -2.85 -4.44 5.71
N1 AQX K . -2.83 -5.15 5.27
C2 AQX K . -2.23 -5.40 6.39
C2 AQX K . -2.04 -5.50 6.27
C3 AQX K . -0.84 -5.51 6.34
C3 AQX K . -0.65 -5.62 6.07
C4 AQX K . -0.17 -4.60 5.55
C4 AQX K . -0.21 -5.38 4.78
N2 AQX K . -0.76 -3.64 4.84
N2 AQX K . -1.00 -5.03 3.76
O1 AQX K . -2.95 -6.14 7.08
O1 AQX K . -2.59 -5.69 7.37
C5 AQX K . 0.11 -6.37 6.91
C5 AQX K . 0.48 -5.98 6.83
N3 AQX K . 1.33 -5.99 6.45
N3 AQX K . 1.57 -5.95 6.01
N4 AQX K . 1.18 -4.88 5.64
N4 AQX K . 1.17 -5.58 4.74
S1 AQX K . -2.99 -2.40 4.12
S1 AQX K . -3.39 -4.44 2.81
C6 AQX K . 2.29 -4.29 4.93
C6 AQX K . 2.06 -5.45 3.64
C7 AQX K . 2.35 -2.93 4.72
C7 AQX K . 2.91 -4.35 3.57
C8 AQX K . 3.41 -2.40 4.01
C8 AQX K . 3.78 -4.23 2.50
C9 AQX K . 4.36 -3.25 3.50
C9 AQX K . 3.75 -5.20 1.53
C10 AQX K . 4.29 -4.61 3.67
C10 AQX K . 2.93 -6.28 1.57
C11 AQX K . 3.24 -5.14 4.39
C11 AQX K . 2.06 -6.41 2.65
C12 AQX K . -4.24 -1.96 5.32
C12 AQX K . -3.05 -2.68 2.73
C13 AQX K . -4.28 -0.45 5.47
C13 AQX K . -3.49 -1.90 3.95
N5 AQX K . -5.04 0.15 4.53
N5 AQX K . -3.67 -0.57 3.74
O2 AQX K . -3.65 0.13 6.32
O2 AQX K . -3.70 -2.44 5.02
C14 AQX K . -5.19 -0.25 3.19
C14 AQX K . -4.84 0.18 4.04
C15 AQX K . -6.15 -1.19 2.83
C15 AQX K . -6.04 -0.50 3.95
C16 AQX K . -6.26 -1.60 1.50
C16 AQX K . -7.23 0.15 4.22
C17 AQX K . -5.40 -1.06 0.57
C17 AQX K . -7.21 1.47 4.62
C18 AQX K . -4.44 -0.13 0.92
C18 AQX K . -6.02 2.16 4.72
C19 AQX K . -4.33 0.26 2.23
C19 AQX K . -4.83 1.51 4.43
BR1 AQX K . -5.53 -1.60 -1.23
BR1 AQX K . -8.85 2.32 5.02
F1 AQX K . 5.40 -2.73 2.79
F1 AQX K . 4.62 -5.07 0.47
C1 PEG L . -9.23 -3.03 27.43
O1 PEG L . -8.35 -4.09 27.11
C2 PEG L . -8.73 -2.18 28.56
O2 PEG L . -7.32 -1.97 28.46
C3 PEG L . -6.96 -0.75 27.80
C4 PEG L . -5.74 -0.15 28.47
O4 PEG L . -4.91 0.56 27.56
C1 GOL M . 5.68 -1.17 21.25
O1 GOL M . 6.76 -0.55 21.94
C2 GOL M . 4.49 -0.25 21.09
O2 GOL M . 4.79 1.04 21.57
C3 GOL M . 3.28 -0.71 21.87
O3 GOL M . 2.19 0.19 21.68
C1 AQX N . 2.81 4.98 -3.85
C1 AQX N . 0.61 5.35 -3.58
C1 AQX N . 1.64 4.75 -3.21
N1 AQX N . 2.36 6.16 -4.25
N1 AQX N . 0.91 6.45 -4.27
N1 AQX N . 1.41 5.94 -3.78
C2 AQX N . 1.65 6.21 -5.37
C2 AQX N . 1.17 6.32 -5.57
C2 AQX N . 1.18 5.99 -5.09
C3 AQX N . 1.41 5.05 -6.11
C3 AQX N . 1.12 5.05 -6.17
C3 AQX N . 1.15 4.81 -5.83
C4 AQX N . 1.94 3.88 -5.58
C4 AQX N . 0.80 3.98 -5.35
C4 AQX N . 1.39 3.63 -5.13
N2 AQX N . 2.65 3.82 -4.45
N2 AQX N . 0.55 4.10 -4.03
N2 AQX N . 1.64 3.57 -3.81
O1 AQX N . 1.25 7.33 -5.72
O1 AQX N . 1.44 7.36 -6.18
O1 AQX N . 0.98 7.11 -5.57
C5 AQX N . 0.76 4.72 -7.30
C5 AQX N . 1.32 4.55 -7.47
C5 AQX N . 0.93 4.45 -7.18
N3 AQX N . 0.90 3.38 -7.49
N3 AQX N . 1.15 3.19 -7.41
N3 AQX N . 1.06 3.10 -7.27
N4 AQX N . 1.61 2.84 -6.44
N4 AQX N . 0.81 2.82 -6.12
N4 AQX N . 1.33 2.58 -6.01
S1 AQX N . 3.66 5.03 -2.33
S1 AQX N . 0.31 5.68 -1.89
S1 AQX N . 1.93 4.81 -1.49
C6 AQX N . 1.94 1.44 -6.34
C6 AQX N . 0.61 1.45 -5.75
C6 AQX N . 1.53 1.18 -5.76
C7 AQX N . 1.13 0.50 -6.97
C7 AQX N . 0.54 0.48 -6.74
C7 AQX N . 1.37 0.26 -6.77
C8 AQX N . 1.47 -0.85 -6.89
C8 AQX N . 0.39 -0.85 -6.39
C8 AQX N . 1.58 -1.09 -6.52
C9 AQX N . 2.59 -1.20 -6.20
C9 AQX N . 0.35 -1.19 -5.07
C9 AQX N . 1.98 -1.46 -5.26
C10 AQX N . 3.40 -0.29 -5.59
C10 AQX N . 0.44 -0.26 -4.06
C10 AQX N . 2.16 -0.56 -4.24
C11 AQX N . 3.09 1.05 -5.66
C11 AQX N . 0.59 1.08 -4.41
C11 AQX N . 1.95 0.78 -4.49
C12 AQX N . 2.30 4.99 -1.15
C12 AQX N . -1.44 5.33 -1.72
C12 AQX N . 0.76 6.10 -1.02
C13 AQX N . 1.15 5.93 -1.49
C13 AQX N . -1.74 5.09 -0.26
C13 AQX N . -0.65 5.58 -0.93
N5 AQX N . 0.04 5.74 -0.74
N5 AQX N . -1.04 4.07 0.28
N5 AQX N . -1.03 5.27 0.32
O2 AQX N . 1.23 6.76 -2.37
O2 AQX N . -2.52 5.79 0.36
O2 AQX N . -1.37 5.48 -1.91
C14 AQX N . -0.49 6.62 0.23
C14 AQX N . 0.31 4.09 0.69
C14 AQX N . -0.65 5.96 1.50
C15 AQX N . -1.69 6.33 0.86
C15 AQX N . 1.18 3.07 0.34
C15 AQX N . -0.13 5.34 2.61
C16 AQX N . -2.21 7.20 1.81
C16 AQX N . 2.50 3.11 0.73
C16 AQX N . 0.23 6.08 3.73
C17 AQX N . -1.52 8.34 2.12
C17 AQX N . 2.95 4.18 1.49
C17 AQX N . 0.07 7.45 3.69
C18 AQX N . -0.32 8.64 1.51
C18 AQX N . 2.10 5.20 1.84
C18 AQX N . -0.43 8.08 2.59
C19 AQX N . 0.19 7.78 0.56
C19 AQX N . 0.78 5.16 1.44
C19 AQX N . -0.78 7.35 1.48
BR1 AQX N . -2.22 9.53 3.44
BR1 AQX N . 4.77 4.24 2.04
BR1 AQX N . 0.55 8.49 5.21
F1 AQX N . 2.91 -2.52 -6.11
F1 AQX N . 0.19 -2.51 -4.74
F1 AQX N . 2.19 -2.78 -5.01
O1 PG4 O . 11.73 8.94 -24.44
C1 PG4 O . 11.92 7.59 -24.08
C2 PG4 O . 13.10 6.95 -24.78
O2 PG4 O . 13.53 5.77 -24.08
C3 PG4 O . 12.56 4.72 -24.08
C4 PG4 O . 13.14 3.43 -23.51
O3 PG4 O . 13.73 3.67 -22.23
C5 PG4 O . 13.91 2.47 -21.47
C6 PG4 O . 13.95 2.77 -19.99
O4 PG4 O . 14.95 3.75 -19.71
C7 PG4 O . 15.08 4.04 -18.31
C8 PG4 O . 15.63 5.44 -18.10
O5 PG4 O . 17.05 5.47 -17.99
C1 GOL P . 17.31 11.05 -9.21
O1 GOL P . 16.60 10.08 -9.97
C2 GOL P . 16.44 11.65 -8.12
O2 GOL P . 16.77 11.03 -6.89
C3 GOL P . 16.52 13.16 -7.99
O3 GOL P . 17.21 13.60 -6.82
C1 PEG Q . 22.29 -4.64 -9.53
O1 PEG Q . 23.44 -3.85 -9.26
C2 PEG Q . 22.53 -5.73 -10.53
O2 PEG Q . 22.96 -6.92 -9.87
C3 PEG Q . 22.44 -8.13 -10.42
C4 PEG Q . 23.17 -9.33 -9.87
O4 PEG Q . 22.56 -9.83 -8.67
#